data_2IWG
#
_entry.id   2IWG
#
_cell.length_a   112.490
_cell.length_b   112.490
_cell.length_c   194.609
_cell.angle_alpha   90.00
_cell.angle_beta   90.00
_cell.angle_gamma   120.00
#
_symmetry.space_group_name_H-M   'P 61'
#
loop_
_entity.id
_entity.type
_entity.pdbx_description
1 polymer 'IG GAMMA-1 CHAIN C'
2 polymer '52 KDA RO PROTEIN'
3 branched beta-D-galactopyranose-(1-4)-2-acetamido-2-deoxy-beta-D-glucopyranose-(1-2)-alpha-D-mannopyranose-(1-6)-[alpha-D-mannopyranose-(1-3)]beta-D-mannopyranose-(1-4)-2-acetamido-2-deoxy-beta-D-glucopyranose-(1-4)-2-acetamido-2-deoxy-beta-D-glucopyranose
4 non-polymer alpha-L-fucopyranose
5 water water
#
loop_
_entity_poly.entity_id
_entity_poly.type
_entity_poly.pdbx_seq_one_letter_code
_entity_poly.pdbx_strand_id
1 'polypeptide(L)'
;GPSVFLFPPKPKDTLMISRTPEVTCVVVDVSHEDPEVKFNWYVDGVEVHNAKTKPREEQYNSTYRVVSVLTVLHQDWLNG
KEYKCKVSNKALPAPIEKTISKAKGQPREPQVYTLPPSRDELTKNQVSLTCLVKGFYPSDIAVEWESNGQPENNYKTTPP
VLDSDGSFFLYSKLTVDKSRWQQGNVFSCSVMHEALHNHYTQKSLSL
;
A,D
2 'polypeptide(L)'
;HMVHITLDPDTANPWLILSEDRRQVRLGDTQQSIPGNEERFDSYPMVLGAQHFHSGKHYWEVDVTGKEAWDLGVCRDSVR
RKGHFLLSSKSGFWTIWLWNKQKYEAGTYPQTPLHLQVPPCQVGIFLDYEAGMVSFYNITDHGSLIYSFSECAFTGPLRP
FFSPGFNDGGKNTAPLTLCPL
;
B,E
#
loop_
_chem_comp.id
_chem_comp.type
_chem_comp.name
_chem_comp.formula
BMA D-saccharide, beta linking beta-D-mannopyranose 'C6 H12 O6'
FUC L-saccharide, alpha linking alpha-L-fucopyranose 'C6 H12 O5'
GAL D-saccharide, beta linking beta-D-galactopyranose 'C6 H12 O6'
MAN D-saccharide, alpha linking alpha-D-mannopyranose 'C6 H12 O6'
NAG D-saccharide, beta linking 2-acetamido-2-deoxy-beta-D-glucopyranose 'C8 H15 N O6'
#
# COMPACT_ATOMS: atom_id res chain seq x y z
N GLY A 1 12.21 4.45 -42.44
CA GLY A 1 11.68 5.84 -42.35
C GLY A 1 11.38 6.29 -40.91
N PRO A 2 10.52 7.34 -40.78
CA PRO A 2 10.18 7.86 -39.41
C PRO A 2 9.21 6.94 -38.65
N SER A 3 9.49 6.72 -37.38
CA SER A 3 8.60 5.92 -36.56
C SER A 3 7.60 6.81 -35.82
N VAL A 4 6.43 6.29 -35.47
CA VAL A 4 5.50 7.00 -34.61
C VAL A 4 4.81 6.19 -33.49
N PHE A 5 4.82 6.79 -32.30
CA PHE A 5 4.10 6.36 -31.12
C PHE A 5 3.06 7.39 -30.61
N LEU A 6 1.86 6.93 -30.33
CA LEU A 6 0.79 7.73 -29.73
C LEU A 6 0.67 7.49 -28.21
N PHE A 7 0.58 8.53 -27.37
CA PHE A 7 0.48 8.32 -25.88
C PHE A 7 -0.80 8.81 -25.12
N PRO A 8 -1.26 8.06 -24.08
CA PRO A 8 -2.53 8.54 -23.50
C PRO A 8 -2.26 9.63 -22.48
N PRO A 9 -3.32 10.36 -22.04
CA PRO A 9 -3.11 11.31 -20.95
C PRO A 9 -2.64 10.62 -19.75
N LYS A 10 -1.86 11.28 -18.91
CA LYS A 10 -1.65 10.82 -17.52
C LYS A 10 -2.98 10.70 -16.73
N PRO A 11 -3.32 9.49 -16.21
CA PRO A 11 -4.64 9.17 -15.54
C PRO A 11 -5.20 10.15 -14.55
N LYS A 12 -4.39 10.62 -13.61
CA LYS A 12 -4.92 11.63 -12.67
C LYS A 12 -5.53 12.79 -13.43
N ASP A 13 -4.91 13.17 -14.57
CA ASP A 13 -5.22 14.45 -15.23
C ASP A 13 -6.63 14.51 -15.75
N THR A 14 -7.12 13.31 -16.10
CA THR A 14 -8.46 13.12 -16.63
C THR A 14 -9.52 13.27 -15.57
N LEU A 15 -9.07 13.35 -14.32
CA LEU A 15 -9.95 13.45 -13.14
C LEU A 15 -9.79 14.70 -12.38
N MET A 16 -8.57 15.26 -12.33
CA MET A 16 -8.31 16.70 -11.73
C MET A 16 -8.72 17.82 -12.66
N ILE A 17 -9.81 18.54 -12.35
CA ILE A 17 -10.29 19.64 -13.20
C ILE A 17 -9.14 20.72 -13.32
N SER A 18 -8.35 20.84 -12.24
CA SER A 18 -7.21 21.73 -12.23
C SER A 18 -6.08 21.24 -13.15
N ARG A 19 -6.13 20.01 -13.62
CA ARG A 19 -5.12 19.49 -14.62
C ARG A 19 -5.66 19.62 -16.04
N THR A 20 -4.74 19.53 -17.02
CA THR A 20 -5.10 19.48 -18.42
C THR A 20 -4.61 18.18 -19.09
N PRO A 21 -5.58 17.27 -19.42
CA PRO A 21 -5.18 16.04 -20.16
C PRO A 21 -4.94 16.22 -21.71
N GLU A 22 -3.77 15.65 -22.12
CA GLU A 22 -3.18 15.64 -23.45
C GLU A 22 -2.84 14.22 -23.90
N VAL A 23 -3.20 13.95 -25.13
CA VAL A 23 -2.72 12.84 -25.90
C VAL A 23 -1.48 13.36 -26.74
N THR A 24 -0.35 12.67 -26.60
CA THR A 24 0.88 12.99 -27.30
C THR A 24 1.21 12.06 -28.48
N CYS A 25 1.57 12.65 -29.63
CA CYS A 25 1.91 11.96 -30.85
C CYS A 25 3.38 12.25 -31.10
N VAL A 26 4.19 11.20 -30.93
CA VAL A 26 5.63 11.27 -31.02
C VAL A 26 6.12 10.70 -32.35
N VAL A 27 6.93 11.49 -33.06
CA VAL A 27 7.54 10.99 -34.24
C VAL A 27 9.03 10.98 -34.03
N VAL A 28 9.58 9.78 -34.18
CA VAL A 28 11.00 9.60 -34.12
C VAL A 28 11.51 9.30 -35.50
N ASP A 29 12.80 9.13 -35.50
CA ASP A 29 13.62 9.84 -36.41
C ASP A 29 13.28 10.09 -37.86
N VAL A 30 13.23 11.41 -38.03
CA VAL A 30 12.90 12.08 -39.25
C VAL A 30 14.31 12.55 -39.55
N SER A 31 14.65 12.42 -40.82
CA SER A 31 15.98 12.70 -41.34
C SER A 31 16.28 14.21 -41.30
N HIS A 32 17.50 14.64 -40.92
CA HIS A 32 17.91 16.08 -41.08
C HIS A 32 17.61 16.45 -42.49
N GLU A 33 17.56 15.44 -43.35
CA GLU A 33 17.44 15.66 -44.75
C GLU A 33 16.02 16.12 -45.05
N ASP A 34 15.01 15.31 -44.71
CA ASP A 34 13.62 15.70 -44.98
C ASP A 34 12.77 15.84 -43.73
N PRO A 35 12.93 17.00 -43.03
CA PRO A 35 12.59 17.08 -41.62
C PRO A 35 11.11 17.50 -41.28
N GLU A 36 10.31 17.97 -42.23
CA GLU A 36 9.06 18.58 -41.90
C GLU A 36 7.98 17.51 -41.77
N VAL A 37 7.23 17.57 -40.65
CA VAL A 37 6.05 16.69 -40.34
C VAL A 37 4.64 17.39 -40.33
N LYS A 38 3.69 16.80 -41.02
CA LYS A 38 2.28 17.16 -40.93
C LYS A 38 1.60 16.23 -39.92
N PHE A 39 0.85 16.84 -39.00
CA PHE A 39 -0.02 16.07 -38.10
C PHE A 39 -1.48 16.31 -38.44
N ASN A 40 -2.29 15.27 -38.53
CA ASN A 40 -3.76 15.46 -38.59
C ASN A 40 -4.38 14.77 -37.43
N TRP A 41 -5.30 15.43 -36.76
CA TRP A 41 -5.95 14.80 -35.60
C TRP A 41 -7.45 14.72 -35.78
N TYR A 42 -7.98 13.55 -35.42
CA TYR A 42 -9.40 13.20 -35.57
C TYR A 42 -9.91 12.82 -34.23
N VAL A 43 -11.11 13.23 -33.90
CA VAL A 43 -11.69 12.74 -32.67
C VAL A 43 -12.98 12.06 -33.02
N ASP A 44 -12.95 10.73 -32.91
CA ASP A 44 -14.01 9.82 -33.40
C ASP A 44 -14.18 10.02 -34.92
N GLY A 45 -13.05 9.96 -35.62
CA GLY A 45 -12.97 10.33 -37.04
C GLY A 45 -13.39 11.75 -37.39
N VAL A 46 -13.30 12.71 -36.50
CA VAL A 46 -13.71 14.03 -36.95
C VAL A 46 -12.55 14.98 -36.77
N GLU A 47 -12.14 15.63 -37.84
CA GLU A 47 -10.93 16.45 -37.82
C GLU A 47 -10.94 17.68 -36.81
N VAL A 48 -9.87 17.82 -36.00
CA VAL A 48 -9.73 18.93 -35.02
C VAL A 48 -8.47 19.79 -35.20
N HIS A 49 -8.44 21.06 -34.73
CA HIS A 49 -7.31 21.93 -35.07
C HIS A 49 -6.61 22.64 -33.92
N ASN A 50 -7.09 22.44 -32.72
CA ASN A 50 -6.52 23.14 -31.58
C ASN A 50 -5.13 22.61 -31.07
N ALA A 51 -4.42 21.80 -31.90
CA ALA A 51 -3.28 20.95 -31.43
C ALA A 51 -2.01 21.77 -31.37
N LYS A 52 -1.17 21.49 -30.40
CA LYS A 52 0.01 22.28 -30.23
C LYS A 52 1.17 21.49 -30.75
N THR A 53 1.88 22.13 -31.67
CA THR A 53 3.15 21.65 -32.20
C THR A 53 4.36 22.10 -31.38
N LYS A 54 5.21 21.18 -31.03
CA LYS A 54 6.42 21.54 -30.29
C LYS A 54 7.64 21.68 -31.23
N PRO A 55 8.59 22.55 -30.88
CA PRO A 55 9.79 22.68 -31.69
C PRO A 55 10.60 21.37 -31.70
N ARG A 56 11.05 20.98 -32.91
CA ARG A 56 11.77 19.72 -33.14
C ARG A 56 12.96 19.59 -32.22
N GLU A 57 13.33 18.36 -31.81
CA GLU A 57 14.50 18.19 -30.95
C GLU A 57 15.56 17.40 -31.66
N GLU A 58 16.79 17.96 -31.70
CA GLU A 58 18.01 17.21 -32.24
C GLU A 58 18.39 16.03 -31.30
N GLN A 59 18.43 14.84 -31.95
CA GLN A 59 18.81 13.57 -31.29
C GLN A 59 20.33 13.12 -31.50
N TYR A 60 21.01 12.66 -30.45
CA TYR A 60 22.47 12.28 -30.56
C TYR A 60 22.73 11.39 -31.73
N ASN A 61 21.62 10.80 -32.23
CA ASN A 61 21.61 9.94 -33.41
C ASN A 61 21.83 10.74 -34.71
N SER A 62 21.96 12.09 -34.61
CA SER A 62 21.86 13.01 -35.77
C SER A 62 20.46 12.85 -36.43
N THR A 63 19.42 12.80 -35.57
CA THR A 63 18.01 12.72 -36.11
C THR A 63 17.02 13.59 -35.35
N TYR A 64 15.88 13.80 -36.05
CA TYR A 64 14.72 14.58 -35.51
C TYR A 64 13.56 13.77 -34.82
N ARG A 65 13.37 14.11 -33.54
CA ARG A 65 12.19 13.87 -32.77
C ARG A 65 11.05 15.01 -32.74
N VAL A 66 9.97 14.79 -33.47
CA VAL A 66 8.87 15.76 -33.60
C VAL A 66 7.59 15.34 -32.85
N VAL A 67 7.19 16.19 -31.89
CA VAL A 67 5.90 16.04 -31.19
C VAL A 67 4.81 17.05 -31.55
N SER A 68 3.59 16.53 -31.65
CA SER A 68 2.38 17.30 -31.54
C SER A 68 1.58 16.85 -30.31
N VAL A 69 1.15 17.83 -29.51
CA VAL A 69 0.28 17.65 -28.35
C VAL A 69 -1.24 18.11 -28.57
N LEU A 70 -2.20 17.25 -28.21
CA LEU A 70 -3.63 17.54 -28.32
C LEU A 70 -4.32 17.48 -26.96
N THR A 71 -4.93 18.59 -26.52
CA THR A 71 -5.56 18.55 -25.21
C THR A 71 -6.91 17.87 -25.38
N VAL A 72 -7.30 17.07 -24.42
CA VAL A 72 -8.58 16.43 -24.53
C VAL A 72 -9.52 17.02 -23.44
N LEU A 73 -10.81 17.04 -23.74
CA LEU A 73 -11.79 17.31 -22.67
C LEU A 73 -11.89 16.08 -21.74
N HIS A 74 -11.86 16.35 -20.43
CA HIS A 74 -12.04 15.27 -19.48
C HIS A 74 -13.11 14.18 -19.87
N GLN A 75 -14.33 14.60 -20.17
CA GLN A 75 -15.45 13.68 -20.29
C GLN A 75 -15.34 12.98 -21.56
N ASP A 76 -14.67 13.63 -22.51
CA ASP A 76 -14.37 12.91 -23.77
C ASP A 76 -13.49 11.68 -23.54
N TRP A 77 -12.47 11.82 -22.72
CA TRP A 77 -11.58 10.72 -22.52
C TRP A 77 -12.40 9.69 -21.79
N LEU A 78 -13.06 10.10 -20.69
CA LEU A 78 -13.79 9.20 -19.83
C LEU A 78 -14.85 8.45 -20.58
N ASN A 79 -15.47 9.10 -21.53
CA ASN A 79 -16.50 8.46 -22.31
C ASN A 79 -15.93 7.69 -23.47
N GLY A 80 -14.62 7.38 -23.49
CA GLY A 80 -14.12 6.38 -24.43
C GLY A 80 -13.97 6.69 -25.94
N LYS A 81 -14.30 7.92 -26.34
CA LYS A 81 -13.98 8.45 -27.71
C LYS A 81 -12.53 8.19 -28.12
N GLU A 82 -12.36 8.02 -29.45
CA GLU A 82 -11.07 7.60 -30.07
C GLU A 82 -10.33 8.79 -30.62
N TYR A 83 -9.04 8.85 -30.33
CA TYR A 83 -8.19 9.95 -30.72
C TYR A 83 -7.13 9.48 -31.77
N LYS A 84 -7.31 9.89 -33.04
CA LYS A 84 -6.37 9.52 -34.11
C LYS A 84 -5.34 10.60 -34.50
N CYS A 85 -4.08 10.20 -34.47
CA CYS A 85 -2.99 11.00 -34.94
C CYS A 85 -2.47 10.42 -36.27
N LYS A 86 -2.68 11.14 -37.39
CA LYS A 86 -2.12 10.83 -38.74
C LYS A 86 -0.85 11.65 -39.12
N VAL A 87 0.31 10.99 -39.15
CA VAL A 87 1.62 11.60 -39.50
C VAL A 87 1.94 11.60 -41.03
N SER A 88 2.43 12.73 -41.59
CA SER A 88 2.85 12.85 -43.01
C SER A 88 4.25 13.47 -43.12
N ASN A 89 5.05 12.94 -44.06
CA ASN A 89 6.48 13.25 -44.06
C ASN A 89 7.04 12.65 -45.31
N LYS A 90 8.08 13.27 -45.91
CA LYS A 90 8.67 12.71 -47.17
C LYS A 90 9.75 11.59 -46.98
N ALA A 91 10.31 11.45 -45.79
CA ALA A 91 11.17 10.29 -45.52
C ALA A 91 10.24 9.10 -45.44
N LEU A 92 9.08 9.17 -46.14
CA LEU A 92 8.02 8.20 -45.94
C LEU A 92 7.04 8.29 -47.08
N PRO A 93 6.58 7.11 -47.56
CA PRO A 93 5.71 7.04 -48.77
C PRO A 93 4.19 7.34 -48.55
N ALA A 94 3.63 6.72 -47.52
CA ALA A 94 2.18 6.84 -47.25
C ALA A 94 1.99 7.32 -45.79
N PRO A 95 0.98 8.23 -45.53
CA PRO A 95 0.68 8.73 -44.15
C PRO A 95 0.35 7.55 -43.19
N ILE A 96 1.03 7.50 -42.04
CA ILE A 96 0.70 6.51 -40.99
C ILE A 96 -0.41 7.04 -40.01
N GLU A 97 -1.38 6.19 -39.69
CA GLU A 97 -2.47 6.55 -38.83
C GLU A 97 -2.28 5.80 -37.51
N LYS A 98 -2.38 6.48 -36.37
CA LYS A 98 -2.51 5.73 -35.09
C LYS A 98 -3.77 6.14 -34.33
N THR A 99 -4.40 5.19 -33.64
CA THR A 99 -5.60 5.51 -32.89
C THR A 99 -5.38 5.07 -31.47
N ILE A 100 -5.80 5.92 -30.54
CA ILE A 100 -5.98 5.50 -29.12
C ILE A 100 -7.28 5.97 -28.39
N SER A 101 -7.60 5.25 -27.32
CA SER A 101 -8.73 5.59 -26.51
C SER A 101 -8.53 5.08 -25.12
N LYS A 102 -9.47 5.43 -24.26
CA LYS A 102 -9.53 4.91 -22.92
C LYS A 102 -9.82 3.38 -22.96
N ALA A 103 -9.27 2.67 -21.97
CA ALA A 103 -9.38 1.21 -21.88
C ALA A 103 -10.80 0.75 -21.50
N LYS A 104 -11.31 -0.32 -22.08
CA LYS A 104 -12.58 -0.92 -21.64
C LYS A 104 -12.60 -1.61 -20.25
N GLY A 105 -13.79 -1.72 -19.69
CA GLY A 105 -14.01 -2.43 -18.44
C GLY A 105 -15.11 -1.71 -17.66
N GLN A 106 -16.08 -2.44 -17.12
CA GLN A 106 -17.14 -1.78 -16.38
C GLN A 106 -16.59 -1.09 -15.14
N PRO A 107 -16.71 0.24 -15.01
CA PRO A 107 -16.15 0.93 -13.84
C PRO A 107 -16.78 0.43 -12.52
N ARG A 108 -16.02 0.39 -11.42
CA ARG A 108 -16.58 0.10 -10.08
C ARG A 108 -16.26 1.15 -9.03
N GLU A 109 -17.23 1.41 -8.16
CA GLU A 109 -17.10 2.44 -7.07
C GLU A 109 -16.04 2.15 -5.92
N PRO A 110 -15.02 3.01 -5.84
CA PRO A 110 -14.12 2.98 -4.72
C PRO A 110 -14.82 3.09 -3.41
N GLN A 111 -14.47 2.18 -2.47
CA GLN A 111 -14.84 2.32 -1.07
C GLN A 111 -13.71 2.87 -0.30
N VAL A 112 -13.94 3.89 0.54
CA VAL A 112 -12.89 4.64 1.22
C VAL A 112 -12.97 4.55 2.69
N TYR A 113 -11.87 4.16 3.37
CA TYR A 113 -11.85 4.02 4.83
C TYR A 113 -10.61 4.65 5.38
N THR A 114 -10.79 5.45 6.42
CA THR A 114 -9.65 6.03 7.05
C THR A 114 -9.42 5.28 8.37
N LEU A 115 -8.16 4.99 8.65
CA LEU A 115 -7.83 4.21 9.83
C LEU A 115 -6.84 5.05 10.68
N PRO A 116 -7.09 5.32 11.97
CA PRO A 116 -6.15 6.14 12.80
C PRO A 116 -4.86 5.45 13.05
N PRO A 117 -3.86 6.20 13.62
CA PRO A 117 -2.62 5.51 13.95
C PRO A 117 -2.85 4.42 15.06
N SER A 118 -2.16 3.29 14.96
CA SER A 118 -2.01 2.31 16.08
C SER A 118 -1.42 2.96 17.34
N ARG A 119 -1.92 2.56 18.51
CA ARG A 119 -1.44 3.22 19.76
C ARG A 119 0.05 2.96 20.00
N ASP A 120 0.56 1.87 19.41
CA ASP A 120 1.98 1.66 19.46
C ASP A 120 2.78 2.76 18.79
N GLU A 121 2.20 3.49 17.84
CA GLU A 121 2.95 4.52 17.19
C GLU A 121 3.04 5.82 17.99
N LEU A 122 2.25 5.93 19.04
CA LEU A 122 2.11 7.22 19.67
C LEU A 122 3.23 7.38 20.65
N THR A 123 4.34 6.71 20.41
CA THR A 123 5.56 6.89 21.18
C THR A 123 6.60 7.62 20.31
N LYS A 124 6.39 7.58 18.98
CA LYS A 124 7.22 8.25 18.02
C LYS A 124 6.67 9.64 17.90
N ASN A 125 7.40 10.56 17.25
CA ASN A 125 7.03 11.97 17.28
C ASN A 125 6.33 12.48 16.05
N GLN A 126 6.26 11.60 15.09
CA GLN A 126 5.42 11.66 13.90
C GLN A 126 4.56 10.40 13.85
N VAL A 127 3.30 10.53 13.47
CA VAL A 127 2.39 9.38 13.30
C VAL A 127 1.75 9.26 11.88
N SER A 128 1.21 8.09 11.56
CA SER A 128 0.80 7.73 10.19
C SER A 128 -0.71 7.63 10.18
N LEU A 129 -1.32 8.44 9.32
CA LEU A 129 -2.76 8.33 9.07
C LEU A 129 -2.96 7.55 7.77
N THR A 130 -3.93 6.63 7.82
CA THR A 130 -4.10 5.73 6.63
C THR A 130 -5.45 5.94 5.92
N CYS A 131 -5.37 6.02 4.63
CA CYS A 131 -6.51 5.93 3.85
C CYS A 131 -6.49 4.66 2.99
N LEU A 132 -7.36 3.69 3.34
CA LEU A 132 -7.58 2.48 2.50
C LEU A 132 -8.62 2.81 1.44
N VAL A 133 -8.35 2.45 0.22
CA VAL A 133 -9.30 2.76 -0.82
C VAL A 133 -9.45 1.50 -1.68
N LYS A 134 -10.66 0.95 -1.85
CA LYS A 134 -10.72 -0.42 -2.38
C LYS A 134 -11.92 -0.70 -3.21
N GLY A 135 -11.82 -1.71 -4.04
CA GLY A 135 -12.95 -2.10 -4.91
C GLY A 135 -13.21 -1.33 -6.16
N PHE A 136 -12.21 -0.62 -6.64
CA PHE A 136 -12.39 0.35 -7.67
C PHE A 136 -11.83 -0.13 -8.97
N TYR A 137 -12.43 0.30 -10.07
CA TYR A 137 -11.98 -0.07 -11.39
C TYR A 137 -12.41 1.06 -12.34
N PRO A 138 -11.55 1.52 -13.24
CA PRO A 138 -10.17 1.12 -13.48
C PRO A 138 -9.28 1.69 -12.39
N SER A 139 -7.97 1.50 -12.54
CA SER A 139 -6.95 1.92 -11.60
C SER A 139 -6.66 3.39 -11.60
N ASP A 140 -7.07 4.09 -12.63
CA ASP A 140 -7.04 5.55 -12.64
C ASP A 140 -7.78 6.20 -11.49
N ILE A 141 -6.97 6.77 -10.62
CA ILE A 141 -7.52 7.41 -9.45
C ILE A 141 -6.58 8.54 -8.91
N ALA A 142 -7.11 9.39 -8.06
CA ALA A 142 -6.34 10.45 -7.42
C ALA A 142 -6.72 10.56 -5.99
N VAL A 143 -5.74 10.52 -5.15
CA VAL A 143 -5.91 10.67 -3.73
C VAL A 143 -5.08 11.78 -3.13
N GLU A 144 -5.67 12.47 -2.16
CA GLU A 144 -4.98 13.61 -1.53
C GLU A 144 -5.45 13.79 -0.14
N TRP A 145 -4.75 14.67 0.58
CA TRP A 145 -5.16 14.89 2.00
C TRP A 145 -5.28 16.36 2.34
N GLU A 146 -6.11 16.68 3.31
CA GLU A 146 -6.35 18.03 3.61
C GLU A 146 -6.65 18.05 5.08
N SER A 147 -6.36 19.19 5.69
CA SER A 147 -6.77 19.47 7.05
C SER A 147 -7.26 20.91 7.16
N ASN A 148 -8.48 21.07 7.65
CA ASN A 148 -9.07 22.37 7.91
C ASN A 148 -9.07 23.25 6.61
N GLY A 149 -9.48 22.65 5.48
CA GLY A 149 -9.43 23.35 4.23
C GLY A 149 -8.08 23.71 3.64
N GLN A 150 -6.98 23.37 4.30
CA GLN A 150 -5.71 23.55 3.62
C GLN A 150 -5.25 22.14 3.29
N PRO A 151 -4.58 21.96 2.14
CA PRO A 151 -3.93 20.68 1.80
C PRO A 151 -2.75 20.31 2.67
N GLU A 152 -2.66 19.01 2.95
CA GLU A 152 -1.56 18.38 3.65
C GLU A 152 -0.69 17.63 2.64
N ASN A 153 0.55 18.07 2.45
CA ASN A 153 1.30 17.40 1.40
C ASN A 153 2.30 16.35 1.77
N ASN A 154 2.36 15.94 3.04
CA ASN A 154 3.30 14.93 3.55
C ASN A 154 2.76 13.54 3.52
N TYR A 155 2.50 13.08 2.31
CA TYR A 155 1.84 11.85 2.16
C TYR A 155 2.48 11.04 1.01
N LYS A 156 2.33 9.74 1.13
CA LYS A 156 2.79 8.84 0.06
C LYS A 156 1.65 7.83 -0.22
N THR A 157 1.56 7.35 -1.43
CA THR A 157 0.38 6.56 -1.83
C THR A 157 0.90 5.32 -2.57
N THR A 158 0.56 4.15 -2.08
CA THR A 158 1.07 2.90 -2.82
C THR A 158 0.43 2.90 -4.23
N PRO A 159 1.07 2.33 -5.23
CA PRO A 159 0.30 2.09 -6.49
C PRO A 159 -0.89 1.09 -6.38
N PRO A 160 -1.77 1.15 -7.37
CA PRO A 160 -3.01 0.35 -7.13
C PRO A 160 -2.57 -1.09 -7.25
N VAL A 161 -3.15 -1.98 -6.43
CA VAL A 161 -2.78 -3.38 -6.43
C VAL A 161 -4.04 -4.21 -6.83
N LEU A 162 -3.90 -5.09 -7.78
CA LEU A 162 -5.04 -5.96 -8.16
C LEU A 162 -5.50 -6.94 -7.07
N ASP A 163 -6.76 -6.96 -6.77
CA ASP A 163 -7.37 -7.84 -5.79
C ASP A 163 -7.95 -9.11 -6.41
N SER A 164 -8.51 -10.01 -5.56
CA SER A 164 -8.90 -11.36 -6.07
C SER A 164 -10.10 -11.30 -6.98
N ASP A 165 -10.96 -10.27 -6.80
CA ASP A 165 -12.13 -10.03 -7.67
C ASP A 165 -11.85 -9.21 -8.99
N GLY A 166 -10.62 -8.84 -9.22
CA GLY A 166 -10.35 -8.00 -10.38
C GLY A 166 -10.54 -6.49 -10.13
N SER A 167 -10.93 -6.08 -8.93
CA SER A 167 -10.93 -4.66 -8.56
C SER A 167 -9.54 -4.23 -7.99
N PHE A 168 -9.30 -2.94 -7.79
CA PHE A 168 -7.99 -2.45 -7.29
C PHE A 168 -8.17 -1.94 -5.94
N PHE A 169 -7.10 -1.86 -5.13
CA PHE A 169 -7.15 -1.14 -3.80
C PHE A 169 -5.76 -0.39 -3.67
N LEU A 170 -5.67 0.69 -2.89
CA LEU A 170 -4.39 1.19 -2.50
C LEU A 170 -4.45 1.75 -1.16
N TYR A 171 -3.33 2.12 -0.58
CA TYR A 171 -3.43 2.74 0.70
C TYR A 171 -2.66 4.14 0.56
N SER A 172 -3.00 5.11 1.40
CA SER A 172 -2.34 6.40 1.34
C SER A 172 -1.89 6.67 2.76
N LYS A 173 -0.61 6.97 2.93
CA LYS A 173 -0.20 7.16 4.33
C LYS A 173 0.06 8.68 4.43
N LEU A 174 -0.63 9.32 5.32
CA LEU A 174 -0.15 10.75 5.68
C LEU A 174 0.60 10.79 6.97
N THR A 175 1.85 11.21 6.91
CA THR A 175 2.63 11.38 8.18
C THR A 175 2.41 12.75 8.80
N VAL A 176 2.09 12.83 10.05
CA VAL A 176 1.92 14.15 10.73
C VAL A 176 2.60 14.16 12.12
N ASP A 177 2.77 15.36 12.70
CA ASP A 177 3.31 15.50 14.06
C ASP A 177 2.32 14.99 15.04
N LYS A 178 2.80 14.23 16.01
CA LYS A 178 1.96 13.62 17.02
C LYS A 178 1.12 14.69 17.78
N SER A 179 1.69 15.85 18.03
CA SER A 179 0.92 16.94 18.68
C SER A 179 -0.31 17.40 17.86
N ARG A 180 -0.17 17.61 16.54
CA ARG A 180 -1.35 17.83 15.72
C ARG A 180 -2.41 16.69 15.83
N TRP A 181 -1.99 15.41 15.89
CA TRP A 181 -2.96 14.32 15.97
C TRP A 181 -3.59 14.36 17.30
N GLN A 182 -2.76 14.53 18.29
CA GLN A 182 -3.21 14.44 19.70
C GLN A 182 -4.20 15.55 20.16
N GLN A 183 -4.06 16.72 19.56
CA GLN A 183 -4.80 17.90 19.90
C GLN A 183 -6.29 17.70 19.55
N GLY A 184 -6.55 16.96 18.48
CA GLY A 184 -7.90 16.60 18.05
C GLY A 184 -8.17 17.10 16.65
N ASN A 185 -7.18 17.63 15.97
CA ASN A 185 -7.35 18.01 14.62
C ASN A 185 -7.97 16.98 13.63
N VAL A 186 -8.69 17.51 12.61
CA VAL A 186 -9.49 16.71 11.68
C VAL A 186 -8.78 16.67 10.36
N PHE A 187 -8.47 15.47 9.94
CA PHE A 187 -7.78 15.35 8.67
C PHE A 187 -8.75 14.70 7.72
N SER A 188 -8.50 14.89 6.45
CA SER A 188 -9.39 14.29 5.49
C SER A 188 -8.64 13.70 4.35
N CYS A 189 -9.11 12.50 3.98
CA CYS A 189 -8.67 11.81 2.85
C CYS A 189 -9.72 12.15 1.76
N SER A 190 -9.23 12.48 0.57
CA SER A 190 -9.97 12.89 -0.58
C SER A 190 -9.79 11.91 -1.79
N VAL A 191 -10.87 11.54 -2.49
CA VAL A 191 -10.66 10.62 -3.67
C VAL A 191 -11.41 11.07 -4.85
N MET A 192 -10.77 11.05 -6.00
CA MET A 192 -11.39 11.40 -7.25
C MET A 192 -11.35 10.14 -8.09
N HIS A 193 -12.47 9.79 -8.72
CA HIS A 193 -12.55 8.55 -9.41
C HIS A 193 -13.81 8.63 -10.41
N GLU A 194 -13.65 8.14 -11.63
CA GLU A 194 -14.73 7.99 -12.61
C GLU A 194 -16.10 7.49 -12.08
N ALA A 195 -16.08 6.64 -11.06
CA ALA A 195 -17.23 5.85 -10.67
C ALA A 195 -17.73 6.34 -9.31
N LEU A 196 -17.39 7.58 -8.96
CA LEU A 196 -17.92 8.23 -7.80
C LEU A 196 -18.99 9.22 -8.22
N HIS A 197 -19.99 9.48 -7.38
CA HIS A 197 -21.01 10.52 -7.67
C HIS A 197 -20.22 11.86 -7.72
N ASN A 198 -20.30 12.56 -8.85
CA ASN A 198 -19.58 13.86 -8.99
C ASN A 198 -18.08 13.68 -8.96
N HIS A 199 -17.72 12.43 -9.21
CA HIS A 199 -16.37 11.91 -9.28
C HIS A 199 -15.47 12.24 -8.08
N TYR A 200 -16.02 12.44 -6.89
CA TYR A 200 -15.21 12.87 -5.82
C TYR A 200 -15.82 12.37 -4.54
N THR A 201 -15.01 11.97 -3.58
CA THR A 201 -15.55 11.79 -2.23
C THR A 201 -14.49 12.13 -1.21
N GLN A 202 -14.89 12.23 0.04
CA GLN A 202 -13.92 12.43 1.08
C GLN A 202 -14.36 11.84 2.41
N LYS A 203 -13.38 11.40 3.26
CA LYS A 203 -13.60 10.88 4.62
C LYS A 203 -12.72 11.49 5.60
N SER A 204 -13.27 11.73 6.75
CA SER A 204 -12.53 12.31 7.92
C SER A 204 -11.88 11.26 8.85
N LEU A 205 -10.84 11.77 9.55
CA LEU A 205 -10.11 11.07 10.52
C LEU A 205 -9.69 12.13 11.54
N SER A 206 -10.16 11.91 12.76
CA SER A 206 -9.71 12.58 13.93
C SER A 206 -9.64 11.59 15.10
N LEU A 207 -8.94 12.02 16.17
CA LEU A 207 -9.00 11.48 17.52
C LEU A 207 -10.41 11.69 18.08
N HIS B 1 -48.10 28.40 -2.67
CA HIS B 1 -46.67 28.60 -2.11
C HIS B 1 -45.63 28.58 -3.25
N MET B 2 -46.13 28.48 -4.51
CA MET B 2 -45.23 28.38 -5.67
C MET B 2 -44.48 29.79 -5.77
N VAL B 3 -43.28 29.71 -6.43
CA VAL B 3 -42.20 30.74 -6.51
C VAL B 3 -41.60 30.61 -7.88
N HIS B 4 -41.63 31.66 -8.66
CA HIS B 4 -40.87 31.64 -9.91
C HIS B 4 -39.35 31.83 -9.68
N ILE B 5 -38.56 30.83 -10.04
CA ILE B 5 -37.14 30.87 -9.88
C ILE B 5 -36.42 31.04 -11.24
N THR B 6 -35.31 31.71 -11.17
CA THR B 6 -34.43 31.95 -12.29
C THR B 6 -33.05 31.58 -11.81
N LEU B 7 -32.29 31.00 -12.71
CA LEU B 7 -30.93 30.67 -12.46
C LEU B 7 -30.05 31.92 -12.39
N ASP B 8 -29.19 32.03 -11.36
CA ASP B 8 -28.23 33.12 -11.18
C ASP B 8 -26.97 32.93 -11.98
N PRO B 9 -26.69 33.76 -13.02
CA PRO B 9 -25.58 33.56 -13.93
C PRO B 9 -24.27 33.85 -13.23
N ASP B 10 -24.22 34.58 -12.13
CA ASP B 10 -22.96 34.62 -11.44
C ASP B 10 -22.53 33.37 -10.75
N THR B 11 -23.48 32.56 -10.17
CA THR B 11 -23.09 31.27 -9.57
C THR B 11 -22.64 30.27 -10.59
N ALA B 12 -23.08 30.37 -11.82
CA ALA B 12 -22.98 29.21 -12.75
C ALA B 12 -21.60 28.74 -13.18
N ASN B 13 -21.30 27.45 -13.05
CA ASN B 13 -20.06 26.95 -13.55
C ASN B 13 -19.93 27.22 -15.01
N PRO B 14 -18.70 27.58 -15.52
CA PRO B 14 -18.39 27.83 -16.93
C PRO B 14 -18.65 26.73 -17.98
N TRP B 15 -18.90 25.49 -17.58
CA TRP B 15 -19.24 24.50 -18.57
C TRP B 15 -20.75 24.47 -18.73
N LEU B 16 -21.48 25.23 -17.93
CA LEU B 16 -22.96 25.18 -18.07
C LEU B 16 -23.40 26.14 -19.10
N ILE B 17 -24.44 25.76 -19.82
CA ILE B 17 -25.16 26.65 -20.69
C ILE B 17 -26.56 26.93 -20.11
N LEU B 18 -26.76 28.12 -19.53
CA LEU B 18 -28.10 28.60 -19.19
C LEU B 18 -28.93 29.10 -20.39
N SER B 19 -30.26 29.04 -20.28
CA SER B 19 -31.12 29.47 -21.37
C SER B 19 -31.28 31.03 -21.19
N GLU B 20 -31.77 31.68 -22.26
CA GLU B 20 -31.98 33.10 -22.26
C GLU B 20 -32.96 33.48 -21.21
N ASP B 21 -34.07 32.71 -20.99
CA ASP B 21 -35.00 33.02 -19.86
C ASP B 21 -34.45 32.71 -18.49
N ARG B 22 -33.24 32.15 -18.46
CA ARG B 22 -32.68 31.63 -17.18
C ARG B 22 -33.53 30.53 -16.41
N ARG B 23 -34.30 29.77 -17.15
CA ARG B 23 -35.19 28.80 -16.57
C ARG B 23 -34.75 27.36 -17.05
N GLN B 24 -33.72 27.20 -17.89
CA GLN B 24 -33.14 25.91 -18.12
C GLN B 24 -31.61 25.96 -17.95
N VAL B 25 -31.01 24.76 -17.73
CA VAL B 25 -29.58 24.57 -17.59
C VAL B 25 -29.11 23.24 -18.10
N ARG B 26 -28.05 23.18 -18.88
CA ARG B 26 -27.50 21.92 -19.40
C ARG B 26 -25.96 22.04 -19.36
N LEU B 27 -25.27 20.87 -19.44
CA LEU B 27 -23.85 20.85 -19.24
C LEU B 27 -23.40 20.76 -20.66
N GLY B 28 -22.72 21.79 -21.15
CA GLY B 28 -22.18 21.66 -22.46
C GLY B 28 -20.73 21.25 -22.64
N ASP B 29 -20.34 21.08 -23.90
CA ASP B 29 -19.02 20.54 -24.19
C ASP B 29 -17.87 21.56 -24.44
N THR B 30 -18.13 22.86 -24.50
CA THR B 30 -17.03 23.84 -24.38
C THR B 30 -17.16 24.58 -23.03
N GLN B 31 -16.03 25.11 -22.56
CA GLN B 31 -15.96 26.06 -21.42
C GLN B 31 -16.08 27.51 -21.86
N GLN B 32 -17.19 28.14 -21.44
CA GLN B 32 -17.51 29.55 -21.67
C GLN B 32 -16.47 30.45 -20.94
N SER B 33 -15.96 31.51 -21.61
CA SER B 33 -14.97 32.33 -20.94
C SER B 33 -15.63 33.49 -20.26
N ILE B 34 -15.52 33.60 -18.94
CA ILE B 34 -16.37 34.50 -18.15
C ILE B 34 -15.68 34.82 -16.82
N PRO B 35 -16.19 35.82 -16.09
CA PRO B 35 -15.53 36.27 -14.87
C PRO B 35 -15.32 35.17 -13.87
N GLY B 36 -14.31 35.31 -13.01
CA GLY B 36 -14.02 34.27 -12.01
C GLY B 36 -14.48 34.74 -10.67
N ASN B 37 -15.65 35.35 -10.60
CA ASN B 37 -16.06 35.93 -9.35
C ASN B 37 -16.23 34.92 -8.14
N GLU B 38 -16.29 35.41 -6.90
CA GLU B 38 -16.35 34.60 -5.76
C GLU B 38 -17.58 33.72 -5.75
N GLU B 39 -18.61 34.19 -6.45
CA GLU B 39 -19.89 33.57 -6.22
C GLU B 39 -20.04 32.29 -7.05
N ARG B 40 -19.07 31.98 -7.87
CA ARG B 40 -19.19 31.01 -8.90
C ARG B 40 -18.59 29.60 -8.56
N PHE B 41 -19.34 28.51 -8.83
CA PHE B 41 -18.77 27.17 -8.62
C PHE B 41 -17.74 26.85 -9.63
N ASP B 42 -16.54 26.61 -9.15
CA ASP B 42 -15.51 26.29 -10.11
C ASP B 42 -15.23 24.83 -10.40
N SER B 43 -15.69 23.90 -9.54
CA SER B 43 -15.32 22.48 -9.87
C SER B 43 -16.44 21.44 -10.22
N TYR B 44 -17.67 21.93 -10.30
CA TYR B 44 -18.83 21.03 -10.58
C TYR B 44 -19.80 21.71 -11.42
N PRO B 45 -20.57 20.93 -12.24
CA PRO B 45 -21.64 21.56 -13.03
C PRO B 45 -22.82 22.07 -12.22
N MET B 46 -22.63 22.91 -11.20
CA MET B 46 -23.65 23.48 -10.34
C MET B 46 -23.97 25.00 -10.54
N VAL B 47 -25.17 25.45 -10.11
CA VAL B 47 -25.75 26.74 -10.30
C VAL B 47 -26.75 26.91 -9.26
N LEU B 48 -26.74 28.16 -8.68
CA LEU B 48 -27.76 28.72 -7.86
C LEU B 48 -28.98 29.40 -8.48
N GLY B 49 -30.13 29.32 -7.82
CA GLY B 49 -31.23 30.16 -8.22
C GLY B 49 -31.04 31.58 -7.63
N ALA B 50 -31.56 32.59 -8.31
CA ALA B 50 -31.48 34.04 -7.94
C ALA B 50 -32.03 34.35 -6.55
N GLN B 51 -33.05 33.56 -6.14
CA GLN B 51 -33.76 33.89 -4.87
C GLN B 51 -32.96 33.68 -3.59
N HIS B 52 -33.20 34.53 -2.58
CA HIS B 52 -32.60 34.39 -1.29
C HIS B 52 -33.71 34.10 -0.30
N PHE B 53 -33.63 33.11 0.59
CA PHE B 53 -34.82 32.86 1.42
C PHE B 53 -34.46 33.11 2.90
N HIS B 54 -35.31 33.88 3.64
CA HIS B 54 -34.97 34.42 4.99
C HIS B 54 -35.99 33.94 5.99
N SER B 55 -37.09 33.44 5.41
CA SER B 55 -38.29 33.04 6.13
C SER B 55 -39.29 32.48 5.07
N GLY B 56 -40.39 31.87 5.53
CA GLY B 56 -41.54 31.62 4.64
C GLY B 56 -41.61 30.22 4.08
N LYS B 57 -42.68 29.95 3.34
CA LYS B 57 -42.84 28.64 2.69
C LYS B 57 -42.59 28.92 1.22
N HIS B 58 -41.78 28.09 0.56
CA HIS B 58 -41.52 28.35 -0.84
C HIS B 58 -41.55 27.04 -1.55
N TYR B 59 -42.09 26.95 -2.75
CA TYR B 59 -42.23 25.69 -3.44
C TYR B 59 -41.94 25.82 -4.95
N TRP B 60 -41.12 24.91 -5.55
CA TRP B 60 -40.98 24.94 -6.97
C TRP B 60 -40.80 23.53 -7.58
N GLU B 61 -40.75 23.40 -8.90
CA GLU B 61 -40.62 22.05 -9.55
C GLU B 61 -39.63 21.96 -10.60
N VAL B 62 -38.95 20.85 -10.73
CA VAL B 62 -37.99 20.81 -11.73
C VAL B 62 -38.21 19.54 -12.58
N ASP B 63 -37.95 19.62 -13.86
CA ASP B 63 -38.14 18.54 -14.76
C ASP B 63 -36.84 17.90 -15.13
N VAL B 64 -36.79 16.56 -14.92
CA VAL B 64 -35.56 15.79 -15.06
C VAL B 64 -35.74 14.68 -16.16
N THR B 65 -36.66 14.89 -17.09
CA THR B 65 -37.09 13.86 -18.02
C THR B 65 -35.94 13.44 -18.83
N GLY B 66 -35.77 12.13 -18.81
CA GLY B 66 -34.78 11.52 -19.69
C GLY B 66 -33.35 11.47 -19.16
N LYS B 67 -33.15 11.89 -17.92
CA LYS B 67 -31.77 12.25 -17.47
C LYS B 67 -31.29 11.04 -16.68
N GLU B 68 -29.97 10.81 -16.76
CA GLU B 68 -29.29 9.81 -16.00
C GLU B 68 -28.51 10.33 -14.72
N ALA B 69 -28.53 11.62 -14.40
CA ALA B 69 -27.86 12.21 -13.19
C ALA B 69 -28.26 13.64 -13.11
N TRP B 70 -28.42 14.13 -11.90
CA TRP B 70 -28.67 15.48 -11.55
C TRP B 70 -28.62 15.63 -10.07
N ASP B 71 -28.64 16.88 -9.53
CA ASP B 71 -28.74 17.15 -8.07
C ASP B 71 -29.62 18.38 -7.86
N LEU B 72 -30.44 18.40 -6.80
CA LEU B 72 -31.46 19.37 -6.55
C LEU B 72 -31.61 19.51 -5.12
N GLY B 73 -32.02 20.69 -4.67
CA GLY B 73 -31.92 21.00 -3.30
C GLY B 73 -32.01 22.45 -2.90
N VAL B 74 -31.86 22.79 -1.62
CA VAL B 74 -31.64 24.19 -1.21
C VAL B 74 -30.32 24.16 -0.49
N CYS B 75 -29.68 25.31 -0.35
CA CYS B 75 -28.42 25.39 0.37
C CYS B 75 -28.21 26.74 1.02
N ARG B 76 -27.27 26.86 1.95
CA ARG B 76 -27.00 28.10 2.62
C ARG B 76 -26.41 29.01 1.62
N ASP B 77 -26.60 30.30 1.79
CA ASP B 77 -25.94 31.19 0.84
C ASP B 77 -24.39 31.24 1.00
N SER B 78 -23.92 30.88 2.22
CA SER B 78 -22.53 30.75 2.70
C SER B 78 -21.83 29.58 2.25
N VAL B 79 -22.47 28.62 1.55
CA VAL B 79 -21.68 27.46 1.08
C VAL B 79 -20.49 27.93 0.28
N ARG B 80 -19.45 27.10 0.22
CA ARG B 80 -18.20 27.39 -0.41
C ARG B 80 -18.42 27.07 -1.85
N ARG B 81 -17.81 27.86 -2.75
CA ARG B 81 -17.98 27.75 -4.17
C ARG B 81 -16.80 27.25 -4.86
N LYS B 82 -15.61 27.50 -4.29
CA LYS B 82 -14.33 27.05 -4.89
C LYS B 82 -13.76 25.72 -4.30
N GLY B 83 -13.31 24.87 -5.19
CA GLY B 83 -13.01 23.48 -4.84
C GLY B 83 -14.03 22.32 -4.76
N HIS B 84 -13.55 21.15 -4.28
CA HIS B 84 -14.36 19.94 -4.17
C HIS B 84 -14.93 19.88 -2.80
N PHE B 85 -16.07 19.26 -2.64
CA PHE B 85 -16.71 19.26 -1.35
C PHE B 85 -17.88 18.26 -1.48
N LEU B 86 -18.52 17.99 -0.38
CA LEU B 86 -19.62 17.04 -0.34
C LEU B 86 -20.93 17.73 -0.17
N LEU B 87 -21.91 17.16 -0.82
CA LEU B 87 -23.24 17.69 -0.64
C LEU B 87 -23.91 17.15 0.65
N SER B 88 -23.85 17.84 1.75
CA SER B 88 -24.18 17.16 2.96
C SER B 88 -24.99 18.01 3.86
N SER B 89 -25.97 17.45 4.57
CA SER B 89 -26.78 18.29 5.40
C SER B 89 -26.14 18.90 6.65
N LYS B 90 -24.90 18.52 6.88
CA LYS B 90 -24.17 19.03 8.06
C LYS B 90 -23.30 20.19 7.58
N SER B 91 -23.26 20.31 6.28
CA SER B 91 -22.31 21.13 5.57
C SER B 91 -23.03 22.32 4.78
N GLY B 92 -24.31 22.58 5.07
CA GLY B 92 -25.08 23.55 4.32
C GLY B 92 -25.92 23.13 3.11
N PHE B 93 -26.13 21.86 2.91
CA PHE B 93 -26.74 21.39 1.65
C PHE B 93 -27.94 20.50 2.02
N TRP B 94 -29.13 20.80 1.54
CA TRP B 94 -30.31 19.90 1.73
C TRP B 94 -30.83 19.42 0.37
N THR B 95 -30.15 18.42 -0.15
CA THR B 95 -30.33 17.95 -1.48
C THR B 95 -30.64 16.50 -1.60
N ILE B 96 -31.10 16.10 -2.79
CA ILE B 96 -31.13 14.73 -3.23
C ILE B 96 -30.63 14.65 -4.67
N TRP B 97 -30.23 13.49 -5.14
CA TRP B 97 -29.77 13.40 -6.38
C TRP B 97 -29.93 12.00 -7.07
N LEU B 98 -29.68 11.92 -8.37
CA LEU B 98 -29.69 10.71 -9.20
C LEU B 98 -28.37 10.64 -9.87
N TRP B 99 -27.68 9.50 -9.84
CA TRP B 99 -26.55 9.29 -10.67
C TRP B 99 -26.52 7.84 -11.15
N ASN B 100 -25.60 7.60 -12.04
CA ASN B 100 -25.35 6.31 -12.60
C ASN B 100 -26.64 5.75 -13.18
N LYS B 101 -27.47 6.61 -13.83
CA LYS B 101 -28.87 6.32 -14.27
C LYS B 101 -29.44 5.61 -13.09
N GLN B 102 -30.72 5.71 -12.77
CA GLN B 102 -31.17 4.67 -11.67
C GLN B 102 -30.64 4.62 -10.20
N LYS B 103 -29.53 5.20 -9.81
CA LYS B 103 -29.36 5.31 -8.30
C LYS B 103 -29.74 6.62 -7.58
N TYR B 104 -30.83 6.61 -6.79
CA TYR B 104 -31.26 7.77 -6.08
C TYR B 104 -30.73 7.87 -4.62
N GLU B 105 -30.31 9.04 -4.12
CA GLU B 105 -29.70 9.20 -2.78
C GLU B 105 -30.10 10.49 -2.16
N ALA B 106 -30.30 10.53 -0.85
CA ALA B 106 -30.60 11.73 -0.10
C ALA B 106 -29.28 12.20 0.54
N GLY B 107 -28.99 13.51 0.60
CA GLY B 107 -27.56 13.99 1.00
C GLY B 107 -27.43 14.17 2.49
N THR B 108 -27.73 13.07 3.22
CA THR B 108 -27.49 12.98 4.68
C THR B 108 -26.07 12.52 4.73
N TYR B 109 -25.43 12.63 5.88
CA TYR B 109 -24.05 12.08 6.07
C TYR B 109 -24.06 11.06 7.23
N PRO B 110 -23.73 9.77 6.91
CA PRO B 110 -23.55 9.23 5.55
C PRO B 110 -24.82 9.31 4.68
N GLN B 111 -24.71 8.89 3.44
CA GLN B 111 -25.77 9.18 2.50
C GLN B 111 -26.94 8.17 2.65
N THR B 112 -28.16 8.57 2.34
CA THR B 112 -29.29 7.70 2.43
C THR B 112 -29.83 7.24 1.01
N PRO B 113 -29.82 5.91 0.70
CA PRO B 113 -30.44 5.39 -0.54
C PRO B 113 -31.92 5.59 -0.55
N LEU B 114 -32.47 5.79 -1.74
CA LEU B 114 -33.89 6.06 -1.95
C LEU B 114 -34.38 4.99 -2.91
N HIS B 115 -35.58 4.41 -2.70
CA HIS B 115 -36.10 3.41 -3.65
C HIS B 115 -37.34 3.94 -4.20
N LEU B 116 -37.34 4.20 -5.50
CA LEU B 116 -38.41 4.89 -6.20
C LEU B 116 -38.86 3.90 -7.21
N GLN B 117 -40.06 3.34 -7.02
CA GLN B 117 -40.60 2.38 -7.98
C GLN B 117 -41.01 3.06 -9.25
N VAL B 118 -41.51 4.28 -9.13
CA VAL B 118 -41.77 5.19 -10.28
C VAL B 118 -40.67 6.33 -10.33
N PRO B 119 -39.69 6.21 -11.24
CA PRO B 119 -38.60 7.20 -11.51
C PRO B 119 -39.20 8.52 -11.78
N PRO B 120 -38.89 9.55 -10.99
CA PRO B 120 -39.52 10.83 -11.32
C PRO B 120 -39.10 11.44 -12.65
N CYS B 121 -40.07 12.03 -13.36
CA CYS B 121 -39.83 12.94 -14.48
C CYS B 121 -39.83 14.36 -14.09
N GLN B 122 -40.49 14.68 -12.99
CA GLN B 122 -40.42 15.99 -12.38
C GLN B 122 -40.30 15.79 -10.91
N VAL B 123 -39.75 16.79 -10.19
CA VAL B 123 -39.52 16.73 -8.74
C VAL B 123 -39.91 18.04 -8.14
N GLY B 124 -40.65 18.07 -7.04
CA GLY B 124 -41.06 19.31 -6.45
C GLY B 124 -40.19 19.47 -5.18
N ILE B 125 -39.74 20.68 -4.92
CA ILE B 125 -38.86 20.93 -3.79
C ILE B 125 -39.68 21.89 -3.00
N PHE B 126 -39.89 21.60 -1.75
CA PHE B 126 -40.64 22.48 -0.88
C PHE B 126 -39.82 22.98 0.32
N LEU B 127 -39.78 24.27 0.62
CA LEU B 127 -38.95 24.80 1.80
C LEU B 127 -39.81 25.52 2.79
N ASP B 128 -39.66 25.17 4.06
CA ASP B 128 -40.46 25.71 5.12
C ASP B 128 -39.42 26.19 6.12
N TYR B 129 -39.17 27.49 6.07
CA TYR B 129 -38.07 28.04 6.83
C TYR B 129 -38.25 27.85 8.36
N GLU B 130 -39.33 28.35 8.88
CA GLU B 130 -39.56 28.25 10.34
C GLU B 130 -39.73 26.84 10.93
N ALA B 131 -40.34 25.91 10.14
CA ALA B 131 -40.47 24.48 10.48
C ALA B 131 -39.13 23.75 10.40
N GLY B 132 -38.10 24.43 9.93
CA GLY B 132 -36.82 23.81 9.76
C GLY B 132 -36.82 22.63 8.79
N MET B 133 -37.53 22.75 7.65
CA MET B 133 -37.77 21.61 6.70
C MET B 133 -37.53 21.76 5.18
N VAL B 134 -36.95 20.76 4.54
CA VAL B 134 -36.97 20.74 3.11
C VAL B 134 -37.39 19.39 2.54
N SER B 135 -38.49 19.34 1.77
CA SER B 135 -39.03 17.99 1.29
C SER B 135 -39.01 17.96 -0.20
N PHE B 136 -39.06 16.74 -0.75
CA PHE B 136 -38.99 16.43 -2.13
C PHE B 136 -40.14 15.48 -2.51
N TYR B 137 -40.79 15.70 -3.66
CA TYR B 137 -42.02 15.04 -4.09
C TYR B 137 -41.88 14.48 -5.45
N ASN B 138 -42.35 13.26 -5.68
CA ASN B 138 -42.21 12.67 -6.99
C ASN B 138 -43.47 12.96 -7.71
N ILE B 139 -43.49 13.96 -8.57
CA ILE B 139 -44.68 14.50 -9.23
C ILE B 139 -45.35 13.50 -10.20
N THR B 140 -44.51 12.72 -10.84
CA THR B 140 -44.93 11.55 -11.67
C THR B 140 -45.80 10.50 -10.92
N ASP B 141 -45.52 10.37 -9.60
CA ASP B 141 -46.20 9.44 -8.77
C ASP B 141 -47.03 10.29 -7.88
N HIS B 142 -48.09 10.88 -8.40
CA HIS B 142 -49.10 11.63 -7.57
C HIS B 142 -48.63 12.61 -6.51
N GLY B 143 -47.34 12.87 -6.48
CA GLY B 143 -46.87 13.83 -5.56
C GLY B 143 -46.35 13.09 -4.38
N SER B 144 -46.09 11.79 -4.52
CA SER B 144 -45.68 11.09 -3.37
C SER B 144 -44.39 11.67 -2.84
N LEU B 145 -44.18 11.58 -1.55
CA LEU B 145 -42.96 12.11 -0.93
C LEU B 145 -41.81 11.22 -1.14
N ILE B 146 -40.66 11.85 -1.38
CA ILE B 146 -39.50 11.03 -1.72
C ILE B 146 -38.65 10.99 -0.50
N TYR B 147 -38.50 12.18 0.09
CA TYR B 147 -37.60 12.39 1.23
C TYR B 147 -37.75 13.76 1.83
N SER B 148 -37.70 13.85 3.15
CA SER B 148 -37.81 15.09 3.85
C SER B 148 -36.73 15.30 4.91
N PHE B 149 -35.91 16.36 4.81
CA PHE B 149 -35.03 16.78 5.91
C PHE B 149 -35.80 17.57 6.91
N SER B 150 -35.52 17.35 8.19
CA SER B 150 -36.19 18.19 9.26
C SER B 150 -35.14 18.57 10.26
N GLU B 151 -35.56 19.41 11.20
CA GLU B 151 -34.73 20.15 12.19
C GLU B 151 -33.46 20.62 11.52
N CYS B 152 -33.61 21.54 10.56
CA CYS B 152 -32.47 22.04 9.78
C CYS B 152 -31.91 23.35 10.45
N ALA B 153 -32.63 23.84 11.43
CA ALA B 153 -32.21 25.03 12.10
C ALA B 153 -32.56 26.15 11.16
N PHE B 154 -31.60 26.48 10.28
CA PHE B 154 -31.76 27.67 9.42
C PHE B 154 -31.49 28.97 10.24
N THR B 155 -30.35 29.61 10.00
CA THR B 155 -30.04 30.92 10.62
C THR B 155 -30.11 32.06 9.57
N GLY B 156 -29.44 31.79 8.44
CA GLY B 156 -29.25 32.78 7.37
C GLY B 156 -30.10 32.56 6.14
N PRO B 157 -29.76 33.28 5.06
CA PRO B 157 -30.32 33.16 3.67
C PRO B 157 -30.12 31.75 2.99
N LEU B 158 -31.10 31.28 2.20
CA LEU B 158 -30.99 29.99 1.59
C LEU B 158 -31.25 30.24 0.16
N ARG B 159 -30.64 29.45 -0.70
CA ARG B 159 -30.67 29.65 -2.13
C ARG B 159 -31.07 28.30 -2.67
N PRO B 160 -31.86 28.29 -3.77
CA PRO B 160 -32.08 27.04 -4.51
C PRO B 160 -30.88 26.48 -5.23
N PHE B 161 -30.63 25.14 -5.16
CA PHE B 161 -29.42 24.54 -5.74
C PHE B 161 -29.76 23.71 -6.90
N PHE B 162 -28.95 23.66 -7.95
CA PHE B 162 -29.20 22.81 -9.10
C PHE B 162 -27.91 22.31 -9.71
N SER B 163 -28.03 21.08 -10.26
CA SER B 163 -26.96 20.56 -11.03
C SER B 163 -27.50 19.58 -12.04
N PRO B 164 -27.26 19.85 -13.35
CA PRO B 164 -27.69 18.86 -14.41
C PRO B 164 -26.96 17.48 -14.49
N GLY B 165 -25.98 17.32 -13.61
CA GLY B 165 -25.07 16.24 -13.51
C GLY B 165 -24.00 16.21 -14.57
N PHE B 166 -23.05 15.32 -14.36
CA PHE B 166 -21.95 14.96 -15.21
C PHE B 166 -22.51 14.06 -16.27
N ASN B 167 -21.77 13.88 -17.35
CA ASN B 167 -22.29 13.13 -18.47
C ASN B 167 -21.57 11.82 -18.62
N ASP B 168 -21.34 11.16 -17.51
CA ASP B 168 -20.88 9.77 -17.58
C ASP B 168 -21.89 8.89 -18.39
N GLY B 169 -21.37 8.20 -19.39
CA GLY B 169 -22.21 7.28 -20.13
C GLY B 169 -22.76 7.88 -21.40
N GLY B 170 -22.57 9.21 -21.56
CA GLY B 170 -22.99 9.98 -22.76
C GLY B 170 -24.51 10.24 -22.98
N LYS B 171 -25.39 9.91 -22.03
CA LYS B 171 -26.83 9.97 -22.31
C LYS B 171 -27.56 10.80 -21.24
N ASN B 172 -26.79 11.82 -20.76
CA ASN B 172 -27.20 12.83 -19.74
C ASN B 172 -27.07 14.29 -20.29
N THR B 173 -27.27 14.47 -21.59
CA THR B 173 -27.17 15.85 -22.11
C THR B 173 -28.48 16.65 -22.04
N ALA B 174 -29.57 16.10 -21.53
CA ALA B 174 -30.74 16.86 -21.48
C ALA B 174 -30.55 17.98 -20.46
N PRO B 175 -31.45 18.95 -20.46
CA PRO B 175 -31.32 19.92 -19.31
C PRO B 175 -32.37 19.77 -18.19
N LEU B 176 -32.12 20.31 -17.00
CA LEU B 176 -33.15 20.60 -16.03
C LEU B 176 -33.92 21.84 -16.57
N THR B 177 -35.26 21.85 -16.41
CA THR B 177 -36.19 22.92 -16.74
C THR B 177 -37.06 23.12 -15.55
N LEU B 178 -37.09 24.35 -15.07
CA LEU B 178 -37.98 24.79 -14.05
C LEU B 178 -39.36 24.86 -14.63
N CYS B 179 -40.36 24.26 -13.98
CA CYS B 179 -41.69 24.12 -14.49
C CYS B 179 -42.45 25.37 -14.21
N PRO B 180 -43.37 25.70 -15.14
CA PRO B 180 -44.07 26.95 -15.19
C PRO B 180 -44.99 27.16 -13.99
N LEU B 181 -45.54 26.13 -13.37
CA LEU B 181 -46.32 26.53 -12.14
C LEU B 181 -47.36 27.63 -12.37
N GLY C 1 29.31 -13.72 -30.48
CA GLY C 1 29.39 -14.96 -29.66
C GLY C 1 28.24 -15.12 -28.64
N PRO C 2 28.47 -15.97 -27.61
CA PRO C 2 27.44 -16.18 -26.51
C PRO C 2 27.39 -15.03 -25.48
N SER C 3 26.19 -14.65 -25.10
CA SER C 3 26.04 -13.61 -24.11
C SER C 3 25.79 -14.21 -22.73
N VAL C 4 26.20 -13.52 -21.67
CA VAL C 4 25.87 -13.95 -20.32
C VAL C 4 25.38 -12.87 -19.35
N PHE C 5 24.24 -13.18 -18.71
CA PHE C 5 23.67 -12.47 -17.57
C PHE C 5 23.68 -13.26 -16.26
N LEU C 6 24.16 -12.63 -15.20
CA LEU C 6 24.06 -13.19 -13.83
C LEU C 6 22.85 -12.68 -13.00
N PHE C 7 22.07 -13.54 -12.32
CA PHE C 7 20.88 -13.05 -11.54
C PHE C 7 20.85 -13.25 -9.99
N PRO C 8 20.28 -12.29 -9.22
CA PRO C 8 20.36 -12.48 -7.77
C PRO C 8 19.26 -13.41 -7.29
N PRO C 9 19.33 -13.92 -6.04
CA PRO C 9 18.20 -14.68 -5.52
C PRO C 9 16.99 -13.85 -5.49
N LYS C 10 15.82 -14.44 -5.58
CA LYS C 10 14.57 -13.72 -5.17
C LYS C 10 14.59 -13.28 -3.69
N PRO C 11 14.45 -11.95 -3.38
CA PRO C 11 14.57 -11.34 -1.99
C PRO C 11 13.91 -12.04 -0.83
N LYS C 12 12.66 -12.45 -0.98
CA LYS C 12 12.02 -13.21 0.14
C LYS C 12 12.82 -14.44 0.51
N ASP C 13 13.40 -15.09 -0.49
CA ASP C 13 14.05 -16.40 -0.30
C ASP C 13 15.24 -16.35 0.65
N THR C 14 15.92 -15.20 0.65
CA THR C 14 17.09 -14.98 1.51
C THR C 14 16.70 -14.81 2.96
N LEU C 15 15.38 -14.72 3.21
CA LEU C 15 14.84 -14.55 4.56
C LEU C 15 14.03 -15.69 5.03
N MET C 16 13.32 -16.37 4.11
CA MET C 16 12.49 -17.61 4.50
C MET C 16 13.36 -18.86 4.60
N ILE C 17 13.56 -19.35 5.85
CA ILE C 17 14.40 -20.54 6.05
C ILE C 17 13.81 -21.75 5.20
N SER C 18 12.48 -21.75 5.03
CA SER C 18 11.79 -22.75 4.22
C SER C 18 12.03 -22.54 2.73
N ARG C 19 12.59 -21.40 2.34
CA ARG C 19 13.00 -21.18 0.91
C ARG C 19 14.49 -21.54 0.67
N THR C 20 14.86 -21.71 -0.61
CA THR C 20 16.24 -21.92 -0.98
C THR C 20 16.69 -20.85 -1.99
N PRO C 21 17.56 -19.90 -1.53
CA PRO C 21 18.07 -18.88 -2.47
C PRO C 21 19.25 -19.33 -3.38
N GLU C 22 19.07 -19.00 -4.68
CA GLU C 22 19.89 -19.36 -5.82
C GLU C 22 20.21 -18.10 -6.60
N VAL C 23 21.49 -17.96 -6.90
CA VAL C 23 22.02 -17.15 -7.94
C VAL C 23 22.03 -17.97 -9.32
N THR C 24 21.39 -17.41 -10.35
CA THR C 24 21.36 -17.96 -11.72
C THR C 24 22.31 -17.30 -12.73
N CYS C 25 22.94 -18.12 -13.58
CA CYS C 25 23.94 -17.66 -14.54
C CYS C 25 23.44 -18.18 -15.84
N VAL C 26 22.94 -17.23 -16.64
CA VAL C 26 22.28 -17.45 -17.90
C VAL C 26 23.22 -17.21 -19.07
N VAL C 27 23.37 -18.21 -19.94
CA VAL C 27 24.12 -18.01 -21.15
C VAL C 27 23.20 -18.13 -22.32
N VAL C 28 23.14 -17.03 -23.06
CA VAL C 28 22.37 -16.99 -24.27
C VAL C 28 23.29 -16.99 -25.47
N ASP C 29 22.61 -17.01 -26.58
CA ASP C 29 22.94 -17.92 -27.61
C ASP C 29 24.35 -18.38 -27.96
N VAL C 30 24.41 -19.67 -27.69
CA VAL C 30 25.50 -20.56 -27.92
C VAL C 30 24.97 -21.21 -29.18
N SER C 31 25.88 -21.40 -30.11
CA SER C 31 25.63 -21.96 -31.42
C SER C 31 25.28 -23.44 -31.38
N HIS C 32 24.30 -23.92 -32.18
CA HIS C 32 24.05 -25.37 -32.36
C HIS C 32 25.39 -25.97 -32.73
N GLU C 33 26.23 -25.11 -33.31
CA GLU C 33 27.48 -25.54 -33.85
C GLU C 33 28.37 -25.94 -32.70
N ASP C 34 28.76 -24.97 -31.85
CA ASP C 34 29.58 -25.28 -30.66
C ASP C 34 28.90 -25.08 -29.30
N PRO C 35 28.13 -26.10 -28.86
CA PRO C 35 27.10 -25.87 -27.87
C PRO C 35 27.52 -26.08 -26.34
N GLU C 36 28.72 -26.60 -26.05
CA GLU C 36 29.05 -26.99 -24.72
C GLU C 36 29.64 -25.82 -23.98
N VAL C 37 29.05 -25.55 -22.80
CA VAL C 37 29.44 -24.51 -21.80
C VAL C 37 30.08 -25.07 -20.48
N LYS C 38 31.23 -24.54 -20.12
CA LYS C 38 31.82 -24.72 -18.80
C LYS C 38 31.37 -23.54 -17.90
N PHE C 39 30.92 -23.88 -16.68
CA PHE C 39 30.69 -22.86 -15.62
C PHE C 39 31.70 -23.01 -14.50
N ASN C 40 32.25 -21.91 -14.01
CA ASN C 40 33.09 -21.95 -12.81
C ASN C 40 32.54 -20.95 -11.84
N TRP C 41 32.37 -21.34 -10.61
CA TRP C 41 31.76 -20.43 -9.61
C TRP C 41 32.70 -20.23 -8.46
N TYR C 42 32.77 -18.98 -8.03
CA TYR C 42 33.67 -18.52 -6.98
C TYR C 42 32.83 -17.82 -5.94
N VAL C 43 33.12 -18.06 -4.67
CA VAL C 43 32.42 -17.31 -3.64
C VAL C 43 33.47 -16.57 -2.86
N ASP C 44 33.50 -15.25 -3.06
CA ASP C 44 34.56 -14.34 -2.59
C ASP C 44 35.93 -14.81 -3.18
N GLY C 45 35.90 -15.09 -4.48
CA GLY C 45 37.04 -15.67 -5.19
C GLY C 45 37.43 -17.07 -4.73
N VAL C 46 36.55 -17.84 -4.18
CA VAL C 46 36.97 -19.19 -3.82
C VAL C 46 36.13 -20.19 -4.55
N GLU C 47 36.75 -21.05 -5.33
CA GLU C 47 36.02 -21.99 -6.17
C GLU C 47 35.05 -22.98 -5.41
N VAL C 48 33.80 -23.09 -5.91
CA VAL C 48 32.77 -24.01 -5.33
C VAL C 48 32.16 -25.02 -6.33
N HIS C 49 31.66 -26.18 -5.86
CA HIS C 49 31.31 -27.21 -6.82
C HIS C 49 29.90 -27.76 -6.74
N ASN C 50 29.10 -27.23 -5.84
CA ASN C 50 27.73 -27.77 -5.62
C ASN C 50 26.63 -27.28 -6.61
N ALA C 51 27.05 -26.70 -7.75
CA ALA C 51 26.16 -25.99 -8.68
C ALA C 51 25.39 -26.91 -9.62
N LYS C 52 24.17 -26.57 -9.89
CA LYS C 52 23.33 -27.45 -10.63
C LYS C 52 23.28 -26.93 -12.03
N THR C 53 23.63 -27.82 -12.96
CA THR C 53 23.45 -27.57 -14.39
C THR C 53 22.08 -27.99 -14.91
N LYS C 54 21.43 -27.11 -15.62
CA LYS C 54 20.14 -27.41 -16.25
C LYS C 54 20.34 -27.87 -17.71
N PRO C 55 19.43 -28.71 -18.21
CA PRO C 55 19.51 -29.13 -19.60
C PRO C 55 19.23 -27.97 -20.53
N ARG C 56 20.10 -27.83 -21.55
CA ARG C 56 20.07 -26.74 -22.55
C ARG C 56 18.69 -26.59 -23.17
N GLU C 57 18.28 -25.36 -23.55
CA GLU C 57 16.95 -25.16 -24.13
C GLU C 57 17.06 -24.61 -25.51
N GLU C 58 16.43 -25.30 -26.50
CA GLU C 58 16.34 -24.81 -27.92
C GLU C 58 15.46 -23.54 -27.97
N GLN C 59 16.08 -22.50 -28.57
CA GLN C 59 15.46 -21.14 -28.80
C GLN C 59 14.94 -20.89 -30.28
N TYR C 60 13.72 -20.35 -30.47
CA TYR C 60 13.12 -20.18 -31.84
C TYR C 60 14.09 -19.53 -32.79
N ASN C 61 15.11 -18.88 -32.20
CA ASN C 61 16.25 -18.30 -32.92
C ASN C 61 17.15 -19.35 -33.57
N SER C 62 16.83 -20.67 -33.41
CA SER C 62 17.73 -21.84 -33.68
C SER C 62 19.02 -21.69 -32.86
N THR C 63 18.84 -21.38 -31.55
CA THR C 63 20.05 -21.22 -30.64
C THR C 63 19.82 -21.74 -29.23
N TYR C 64 20.98 -22.00 -28.58
CA TYR C 64 21.04 -22.55 -27.18
C TYR C 64 21.15 -21.50 -26.01
N ARG C 65 20.10 -21.53 -25.18
CA ARG C 65 20.12 -21.03 -23.82
C ARG C 65 20.54 -22.03 -22.65
N VAL C 66 21.76 -21.88 -22.14
CA VAL C 66 22.33 -22.71 -21.07
C VAL C 66 22.38 -22.03 -19.69
N VAL C 67 21.73 -22.68 -18.71
CA VAL C 67 21.78 -22.24 -17.29
C VAL C 67 22.49 -23.17 -16.32
N SER C 68 23.32 -22.56 -15.47
CA SER C 68 23.75 -23.11 -14.23
C SER C 68 23.12 -22.36 -13.04
N VAL C 69 22.59 -23.14 -12.10
CA VAL C 69 22.08 -22.61 -10.82
C VAL C 69 22.99 -22.93 -9.56
N LEU C 70 23.21 -21.94 -8.70
CA LEU C 70 24.08 -22.06 -7.49
C LEU C 70 23.29 -21.71 -6.22
N THR C 71 23.08 -22.66 -5.31
CA THR C 71 22.31 -22.29 -4.16
C THR C 71 23.21 -21.48 -3.20
N VAL C 72 22.67 -20.51 -2.52
CA VAL C 72 23.51 -19.74 -1.64
C VAL C 72 23.02 -19.98 -0.21
N LEU C 73 23.94 -19.92 0.75
CA LEU C 73 23.50 -19.89 2.16
C LEU C 73 22.90 -18.48 2.45
N HIS C 74 21.75 -18.46 3.14
CA HIS C 74 21.15 -17.22 3.55
C HIS C 74 22.16 -16.14 4.09
N GLN C 75 22.99 -16.53 5.05
CA GLN C 75 23.73 -15.53 5.80
C GLN C 75 24.83 -15.07 4.94
N ASP C 76 25.22 -15.91 3.99
CA ASP C 76 26.25 -15.50 3.02
C ASP C 76 25.75 -14.34 2.13
N TRP C 77 24.52 -14.46 1.70
CA TRP C 77 24.02 -13.47 0.82
C TRP C 77 23.85 -12.25 1.67
N LEU C 78 23.27 -12.37 2.88
CA LEU C 78 22.97 -11.21 3.73
C LEU C 78 24.22 -10.49 4.13
N ASN C 79 25.27 -11.23 4.33
CA ASN C 79 26.54 -10.64 4.70
C ASN C 79 27.32 -10.15 3.51
N GLY C 80 26.70 -9.99 2.34
CA GLY C 80 27.36 -9.27 1.23
C GLY C 80 28.52 -9.90 0.43
N LYS C 81 28.85 -11.18 0.68
CA LYS C 81 29.80 -11.97 -0.12
C LYS C 81 29.47 -11.91 -1.62
N GLU C 82 30.52 -12.04 -2.44
CA GLU C 82 30.46 -11.85 -3.91
C GLU C 82 30.44 -13.21 -4.58
N TYR C 83 29.49 -13.38 -5.48
CA TYR C 83 29.29 -14.62 -6.20
C TYR C 83 29.67 -14.43 -7.69
N LYS C 84 30.77 -15.08 -8.12
CA LYS C 84 31.26 -15.00 -9.51
C LYS C 84 30.94 -16.22 -10.39
N CYS C 85 30.33 -15.96 -11.53
CA CYS C 85 30.07 -16.98 -12.53
C CYS C 85 30.97 -16.72 -13.74
N LYS C 86 32.00 -17.55 -13.95
CA LYS C 86 32.87 -17.61 -15.16
C LYS C 86 32.48 -18.63 -16.24
N VAL C 87 31.94 -18.14 -17.36
CA VAL C 87 31.53 -18.94 -18.56
C VAL C 87 32.69 -19.21 -19.58
N SER C 88 32.78 -20.47 -20.07
CA SER C 88 33.78 -20.94 -21.11
C SER C 88 33.09 -21.69 -22.23
N ASN C 89 33.55 -21.46 -23.46
CA ASN C 89 32.78 -21.92 -24.64
C ASN C 89 33.59 -21.60 -25.85
N LYS C 90 33.48 -22.42 -26.91
CA LYS C 90 34.34 -22.21 -28.09
C LYS C 90 33.79 -21.21 -29.12
N ALA C 91 32.48 -20.90 -29.08
CA ALA C 91 31.92 -19.85 -29.93
C ALA C 91 32.44 -18.56 -29.34
N LEU C 92 33.60 -18.62 -28.66
CA LEU C 92 34.09 -17.51 -27.85
C LEU C 92 35.56 -17.72 -27.60
N PRO C 93 36.33 -16.59 -27.63
CA PRO C 93 37.81 -16.66 -27.48
C PRO C 93 38.37 -16.70 -26.02
N ALA C 94 37.84 -15.83 -25.17
CA ALA C 94 38.30 -15.80 -23.76
C ALA C 94 37.12 -15.98 -22.79
N PRO C 95 37.33 -16.71 -21.65
CA PRO C 95 36.28 -16.91 -20.61
C PRO C 95 35.72 -15.59 -20.10
N ILE C 96 34.39 -15.43 -20.07
CA ILE C 96 33.78 -14.22 -19.47
C ILE C 96 33.45 -14.40 -17.95
N GLU C 97 33.81 -13.40 -17.13
CA GLU C 97 33.58 -13.41 -15.70
C GLU C 97 32.44 -12.45 -15.38
N LYS C 98 31.43 -12.88 -14.64
CA LYS C 98 30.49 -11.91 -14.04
C LYS C 98 30.44 -12.05 -12.51
N THR C 99 30.32 -10.93 -11.81
CA THR C 99 30.27 -10.98 -10.33
C THR C 99 28.98 -10.33 -9.89
N ILE C 100 28.33 -10.95 -8.89
CA ILE C 100 27.23 -10.25 -8.14
C ILE C 100 27.21 -10.43 -6.61
N SER C 101 26.54 -9.50 -5.95
CA SER C 101 26.45 -9.50 -4.52
C SER C 101 25.23 -8.72 -4.10
N LYS C 102 24.96 -8.81 -2.82
CA LYS C 102 23.93 -8.05 -2.18
C LYS C 102 24.23 -6.53 -2.25
N ALA C 103 23.18 -5.73 -2.39
CA ALA C 103 23.30 -4.26 -2.54
C ALA C 103 23.79 -3.59 -1.23
N LYS C 104 24.61 -2.56 -1.30
CA LYS C 104 24.96 -1.81 -0.11
C LYS C 104 23.86 -0.90 0.48
N GLY C 105 24.01 -0.58 1.75
CA GLY C 105 23.11 0.36 2.42
C GLY C 105 22.98 -0.07 3.87
N GLN C 106 23.08 0.89 4.81
CA GLN C 106 22.92 0.54 6.20
C GLN C 106 21.49 0.05 6.47
N PRO C 107 21.32 -1.23 6.90
CA PRO C 107 19.98 -1.78 7.17
C PRO C 107 19.22 -1.00 8.25
N ARG C 108 17.89 -0.87 8.14
CA ARG C 108 17.09 -0.22 9.19
C ARG C 108 15.92 -1.02 9.62
N GLU C 109 15.65 -1.00 10.92
CA GLU C 109 14.53 -1.81 11.52
C GLU C 109 13.05 -1.40 11.13
N PRO C 110 12.32 -2.34 10.48
CA PRO C 110 10.92 -2.24 10.23
C PRO C 110 10.19 -2.07 11.49
N GLN C 111 9.27 -1.08 11.48
CA GLN C 111 8.27 -0.85 12.53
C GLN C 111 6.95 -1.40 12.03
N VAL C 112 6.27 -2.23 12.82
CA VAL C 112 5.07 -2.92 12.46
C VAL C 112 3.86 -2.54 13.23
N TYR C 113 2.74 -2.21 12.54
CA TYR C 113 1.52 -1.77 13.19
C TYR C 113 0.38 -2.38 12.49
N THR C 114 -0.50 -2.91 13.28
CA THR C 114 -1.71 -3.48 12.75
C THR C 114 -2.89 -2.54 13.13
N LEU C 115 -3.77 -2.32 12.17
CA LEU C 115 -4.87 -1.37 12.31
C LEU C 115 -6.14 -2.18 12.00
N PRO C 116 -7.16 -2.18 12.89
CA PRO C 116 -8.40 -3.00 12.64
C PRO C 116 -9.22 -2.37 11.58
N PRO C 117 -10.31 -3.04 11.16
CA PRO C 117 -11.14 -2.46 10.14
C PRO C 117 -11.82 -1.16 10.65
N SER C 118 -12.00 -0.17 9.78
CA SER C 118 -12.91 0.96 10.05
C SER C 118 -14.35 0.53 10.31
N ARG C 119 -15.02 1.15 11.27
CA ARG C 119 -16.40 0.70 11.57
C ARG C 119 -17.36 0.80 10.37
N ASP C 120 -17.06 1.75 9.46
CA ASP C 120 -17.76 1.84 8.21
C ASP C 120 -17.72 0.57 7.37
N GLU C 121 -16.70 -0.26 7.53
CA GLU C 121 -16.62 -1.49 6.76
C GLU C 121 -17.48 -2.59 7.32
N LEU C 122 -17.96 -2.42 8.55
CA LEU C 122 -18.60 -3.54 9.22
C LEU C 122 -20.01 -3.66 8.76
N THR C 123 -20.31 -3.15 7.57
CA THR C 123 -21.61 -3.29 6.99
C THR C 123 -21.51 -4.23 5.82
N LYS C 124 -20.27 -4.46 5.33
CA LYS C 124 -19.94 -5.40 4.29
C LYS C 124 -19.74 -6.76 4.94
N ASN C 125 -19.66 -7.83 4.16
CA ASN C 125 -19.63 -9.18 4.78
C ASN C 125 -18.27 -9.82 4.85
N GLN C 126 -17.31 -9.17 4.24
CA GLN C 126 -15.88 -9.35 4.42
C GLN C 126 -15.24 -8.01 4.87
N VAL C 127 -14.24 -8.10 5.74
CA VAL C 127 -13.54 -6.91 6.26
C VAL C 127 -11.99 -7.01 6.11
N SER C 128 -11.35 -5.86 6.18
CA SER C 128 -9.93 -5.70 5.80
C SER C 128 -9.15 -5.42 7.08
N LEU C 129 -8.13 -6.25 7.29
CA LEU C 129 -7.21 -6.09 8.38
C LEU C 129 -5.94 -5.58 7.80
N THR C 130 -5.33 -4.56 8.46
CA THR C 130 -4.14 -3.91 7.81
C THR C 130 -2.86 -4.05 8.66
N CYS C 131 -1.82 -4.43 7.97
CA CYS C 131 -0.59 -4.37 8.55
C CYS C 131 0.31 -3.30 7.84
N LEU C 132 0.58 -2.19 8.54
CA LEU C 132 1.58 -1.14 8.14
C LEU C 132 2.96 -1.50 8.60
N VAL C 133 3.84 -1.60 7.66
CA VAL C 133 5.19 -1.87 8.05
C VAL C 133 6.09 -0.78 7.56
N LYS C 134 6.93 -0.17 8.40
CA LYS C 134 7.60 1.05 7.89
C LYS C 134 8.93 1.32 8.44
N GLY C 135 9.66 2.19 7.77
CA GLY C 135 11.02 2.51 8.21
C GLY C 135 12.10 1.51 7.94
N PHE C 136 11.86 0.63 6.99
CA PHE C 136 12.74 -0.45 6.78
C PHE C 136 13.66 -0.29 5.58
N TYR C 137 14.83 -0.91 5.67
CA TYR C 137 15.77 -0.76 4.60
C TYR C 137 16.70 -1.95 4.70
N PRO C 138 16.96 -2.65 3.58
CA PRO C 138 16.50 -2.49 2.25
C PRO C 138 15.08 -2.98 2.14
N SER C 139 14.57 -2.99 0.90
CA SER C 139 13.18 -3.35 0.58
C SER C 139 12.90 -4.79 0.67
N ASP C 140 13.94 -5.60 0.65
CA ASP C 140 13.81 -7.00 0.82
C ASP C 140 13.06 -7.38 2.11
N ILE C 141 11.86 -7.91 1.94
CA ILE C 141 11.13 -8.23 3.15
C ILE C 141 10.08 -9.33 2.84
N ALA C 142 9.49 -9.89 3.88
CA ALA C 142 8.43 -10.87 3.69
C ALA C 142 7.39 -10.70 4.72
N VAL C 143 6.18 -10.59 4.27
CA VAL C 143 5.06 -10.43 5.19
C VAL C 143 4.03 -11.51 5.00
N GLU C 144 3.42 -11.93 6.11
CA GLU C 144 2.42 -13.03 6.05
C GLU C 144 1.47 -12.93 7.20
N TRP C 145 0.40 -13.71 7.10
CA TRP C 145 -0.62 -13.59 8.16
C TRP C 145 -1.01 -14.99 8.67
N GLU C 146 -1.50 -15.02 9.91
CA GLU C 146 -1.78 -16.26 10.56
C GLU C 146 -2.86 -15.96 11.54
N SER C 147 -3.64 -16.99 11.86
CA SER C 147 -4.61 -16.94 12.93
C SER C 147 -4.58 -18.26 13.65
N ASN C 148 -4.39 -18.20 14.96
CA ASN C 148 -4.45 -19.38 15.83
C ASN C 148 -3.46 -20.49 15.34
N GLY C 149 -2.21 -20.12 15.06
CA GLY C 149 -1.28 -21.06 14.54
C GLY C 149 -1.47 -21.56 13.13
N GLN C 150 -2.60 -21.28 12.47
CA GLN C 150 -2.68 -21.66 11.07
C GLN C 150 -2.47 -20.39 10.26
N PRO C 151 -1.82 -20.50 9.08
CA PRO C 151 -1.74 -19.40 8.13
C PRO C 151 -3.07 -19.06 7.47
N GLU C 152 -3.22 -17.75 7.28
CA GLU C 152 -4.32 -17.12 6.56
C GLU C 152 -3.79 -16.68 5.21
N ASN C 153 -4.30 -17.26 4.12
CA ASN C 153 -3.71 -16.84 2.85
C ASN C 153 -4.44 -15.83 1.97
N ASN C 154 -5.50 -15.21 2.48
CA ASN C 154 -6.33 -14.26 1.71
C ASN C 154 -5.90 -12.82 1.94
N TYR C 155 -4.69 -12.55 1.53
CA TYR C 155 -4.08 -11.27 1.75
C TYR C 155 -3.37 -10.80 0.53
N LYS C 156 -3.18 -9.49 0.44
CA LYS C 156 -2.40 -8.96 -0.68
C LYS C 156 -1.50 -7.86 -0.07
N THR C 157 -0.37 -7.61 -0.67
CA THR C 157 0.66 -6.82 0.01
C THR C 157 1.16 -5.84 -1.04
N THR C 158 1.07 -4.56 -0.73
CA THR C 158 1.53 -3.55 -1.76
C THR C 158 3.07 -3.72 -1.92
N PRO C 159 3.66 -3.36 -3.05
CA PRO C 159 5.17 -3.27 -3.03
C PRO C 159 5.75 -2.20 -2.11
N PRO C 160 7.08 -2.32 -1.82
CA PRO C 160 7.59 -1.32 -0.82
C PRO C 160 7.59 0.00 -1.53
N VAL C 161 7.29 1.09 -0.78
CA VAL C 161 7.29 2.42 -1.36
C VAL C 161 8.36 3.27 -0.64
N LEU C 162 9.18 3.92 -1.44
CA LEU C 162 10.19 4.84 -0.84
C LEU C 162 9.58 6.07 -0.14
N ASP C 163 10.02 6.37 1.07
CA ASP C 163 9.54 7.44 1.91
C ASP C 163 10.50 8.60 1.89
N SER C 164 10.13 9.68 2.60
CA SER C 164 10.92 10.94 2.45
C SER C 164 12.33 10.84 3.06
N ASP C 165 12.50 9.96 4.05
CA ASP C 165 13.82 9.69 4.68
C ASP C 165 14.68 8.60 3.96
N GLY C 166 14.19 8.04 2.88
CA GLY C 166 14.98 7.04 2.18
C GLY C 166 14.79 5.62 2.71
N SER C 167 13.85 5.45 3.67
CA SER C 167 13.42 4.14 4.15
C SER C 167 12.19 3.62 3.35
N PHE C 168 11.67 2.42 3.59
CA PHE C 168 10.53 1.91 2.84
C PHE C 168 9.37 1.66 3.74
N PHE C 169 8.15 1.72 3.23
CA PHE C 169 6.97 1.26 4.00
C PHE C 169 6.12 0.36 3.04
N LEU C 170 5.24 -0.51 3.56
CA LEU C 170 4.25 -1.14 2.75
C LEU C 170 3.07 -1.45 3.59
N TYR C 171 1.98 -1.75 3.01
CA TYR C 171 0.87 -2.16 3.79
C TYR C 171 0.46 -3.62 3.30
N SER C 172 -0.15 -4.41 4.18
CA SER C 172 -0.64 -5.75 3.81
C SER C 172 -2.09 -5.80 4.17
N LYS C 173 -2.95 -6.29 3.25
CA LYS C 173 -4.33 -6.22 3.65
C LYS C 173 -4.77 -7.71 3.77
N LEU C 174 -5.26 -8.09 4.90
CA LEU C 174 -5.94 -9.43 4.96
C LEU C 174 -7.43 -9.28 4.98
N THR C 175 -8.08 -9.81 3.97
CA THR C 175 -9.58 -9.85 3.97
C THR C 175 -10.07 -11.08 4.69
N VAL C 176 -10.92 -10.91 5.65
CA VAL C 176 -11.61 -12.02 6.33
C VAL C 176 -13.14 -11.84 6.41
N ASP C 177 -13.89 -12.89 6.75
CA ASP C 177 -15.34 -12.82 7.02
C ASP C 177 -15.63 -12.03 8.23
N LYS C 178 -16.68 -11.24 8.16
CA LYS C 178 -17.01 -10.33 9.27
C LYS C 178 -17.30 -11.12 10.56
N SER C 179 -17.87 -12.31 10.41
CA SER C 179 -18.18 -13.14 11.58
C SER C 179 -16.89 -13.60 12.30
N ARG C 180 -15.84 -13.98 11.57
CA ARG C 180 -14.58 -14.27 12.21
C ARG C 180 -14.03 -13.05 12.96
N TRP C 181 -14.15 -11.83 12.40
CA TRP C 181 -13.59 -10.68 13.06
C TRP C 181 -14.37 -10.44 14.27
N GLN C 182 -15.66 -10.55 14.10
CA GLN C 182 -16.65 -10.05 15.12
C GLN C 182 -16.69 -10.93 16.40
N GLN C 183 -16.35 -12.18 16.21
CA GLN C 183 -16.38 -13.18 17.24
C GLN C 183 -15.28 -12.90 18.31
N GLY C 184 -14.15 -12.36 17.84
CA GLY C 184 -13.05 -11.96 18.71
C GLY C 184 -11.79 -12.68 18.35
N ASN C 185 -11.77 -13.42 17.24
CA ASN C 185 -10.56 -14.07 16.79
C ASN C 185 -9.29 -13.20 16.62
N VAL C 186 -8.09 -13.81 16.91
CA VAL C 186 -6.79 -13.11 16.93
C VAL C 186 -6.08 -13.39 15.67
N PHE C 187 -5.72 -12.31 15.00
CA PHE C 187 -5.01 -12.45 13.76
C PHE C 187 -3.60 -11.94 13.97
N SER C 188 -2.67 -12.39 13.15
CA SER C 188 -1.36 -11.94 13.33
C SER C 188 -0.68 -11.62 12.03
N CYS C 189 -0.03 -10.47 12.05
CA CYS C 189 0.78 -10.01 10.98
C CYS C 189 2.18 -10.44 11.38
N SER C 190 2.88 -11.04 10.43
CA SER C 190 4.20 -11.60 10.56
C SER C 190 5.22 -10.96 9.57
N VAL C 191 6.39 -10.57 10.09
CA VAL C 191 7.40 -9.90 9.18
C VAL C 191 8.82 -10.46 9.34
N MET C 192 9.44 -10.82 8.21
CA MET C 192 10.81 -11.25 8.17
C MET C 192 11.71 -10.17 7.53
N HIS C 193 12.79 -9.78 8.19
CA HIS C 193 13.61 -8.71 7.65
C HIS C 193 15.06 -8.89 8.22
N GLU C 194 16.06 -8.66 7.43
CA GLU C 194 17.45 -8.61 7.85
C GLU C 194 17.76 -7.84 9.18
N ALA C 195 16.99 -6.78 9.48
CA ALA C 195 17.30 -5.85 10.52
C ALA C 195 16.35 -6.06 11.69
N LEU C 196 15.75 -7.23 11.81
CA LEU C 196 14.99 -7.56 12.98
C LEU C 196 15.73 -8.47 13.87
N HIS C 197 15.54 -8.43 15.19
CA HIS C 197 16.19 -9.41 16.11
C HIS C 197 15.71 -10.83 15.65
N ASN C 198 16.64 -11.70 15.31
CA ASN C 198 16.24 -13.10 14.87
C ASN C 198 15.44 -13.10 13.59
N HIS C 199 15.60 -11.97 12.91
CA HIS C 199 15.01 -11.69 11.63
C HIS C 199 13.52 -11.82 11.49
N TYR C 200 12.78 -11.66 12.55
CA TYR C 200 11.42 -11.97 12.48
C TYR C 200 10.70 -11.22 13.58
N THR C 201 9.45 -10.77 13.36
CA THR C 201 8.59 -10.26 14.46
C THR C 201 7.12 -10.45 14.07
N GLN C 202 6.21 -10.34 15.02
CA GLN C 202 4.82 -10.42 14.71
C GLN C 202 4.01 -9.55 15.64
N LYS C 203 2.82 -9.12 15.14
CA LYS C 203 1.85 -8.28 15.86
C LYS C 203 0.49 -8.84 15.74
N SER C 204 -0.19 -8.79 16.85
CA SER C 204 -1.62 -9.17 16.89
C SER C 204 -2.64 -8.07 16.56
N LEU C 205 -3.79 -8.56 16.08
CA LEU C 205 -4.93 -7.78 15.85
C LEU C 205 -6.17 -8.61 16.20
N SER C 206 -6.93 -8.09 17.15
CA SER C 206 -8.24 -8.59 17.47
C SER C 206 -9.18 -7.44 17.83
N LEU C 207 -10.49 -7.76 17.86
CA LEU C 207 -11.50 -6.94 18.44
C LEU C 207 -11.25 -6.90 19.92
N HIS D 1 23.78 -23.17 45.01
CA HIS D 1 22.64 -23.35 44.06
C HIS D 1 23.12 -23.61 42.66
N MET D 2 24.43 -23.70 42.49
CA MET D 2 25.01 -23.91 41.09
C MET D 2 24.55 -25.36 40.64
N VAL D 3 24.54 -25.52 39.28
CA VAL D 3 23.94 -26.64 38.54
C VAL D 3 24.82 -26.84 37.35
N HIS D 4 25.31 -28.05 37.12
CA HIS D 4 26.04 -28.35 35.87
C HIS D 4 25.07 -28.70 34.69
N ILE D 5 25.09 -27.88 33.65
CA ILE D 5 24.18 -28.00 32.58
C ILE D 5 24.95 -28.50 31.34
N THR D 6 24.26 -29.32 30.55
CA THR D 6 24.69 -29.86 29.29
C THR D 6 23.65 -29.57 28.21
N LEU D 7 24.13 -29.23 27.02
CA LEU D 7 23.30 -28.90 25.95
C LEU D 7 22.65 -30.20 25.47
N ASP D 8 21.32 -30.22 25.30
CA ASP D 8 20.52 -31.41 24.76
C ASP D 8 20.57 -31.44 23.30
N PRO D 9 21.18 -32.49 22.67
CA PRO D 9 21.40 -32.66 21.25
C PRO D 9 20.11 -32.91 20.54
N ASP D 10 19.07 -33.34 21.19
CA ASP D 10 17.83 -33.47 20.45
C ASP D 10 17.15 -32.17 20.21
N THR D 11 17.27 -31.14 21.10
CA THR D 11 16.73 -29.81 20.83
C THR D 11 17.43 -29.07 19.77
N ALA D 12 18.68 -29.40 19.53
CA ALA D 12 19.52 -28.41 18.78
C ALA D 12 19.22 -28.14 17.31
N ASN D 13 19.02 -26.88 16.92
CA ASN D 13 18.93 -26.63 15.52
C ASN D 13 20.10 -27.22 14.74
N PRO D 14 19.88 -27.79 13.51
CA PRO D 14 20.91 -28.36 12.63
C PRO D 14 22.04 -27.45 12.13
N TRP D 15 21.95 -26.15 12.30
CA TRP D 15 23.04 -25.33 11.88
C TRP D 15 23.99 -25.15 13.08
N LEU D 16 23.64 -25.63 14.27
CA LEU D 16 24.50 -25.44 15.42
C LEU D 16 25.52 -26.50 15.49
N ILE D 17 26.71 -26.19 15.96
CA ILE D 17 27.69 -27.19 16.30
C ILE D 17 27.89 -27.26 17.80
N LEU D 18 27.34 -28.25 18.50
CA LEU D 18 27.70 -28.54 19.91
C LEU D 18 29.09 -29.12 20.10
N SER D 19 29.66 -29.00 21.28
CA SER D 19 30.98 -29.53 21.50
C SER D 19 30.75 -31.00 22.03
N GLU D 20 31.85 -31.75 22.06
CA GLU D 20 31.81 -33.11 22.51
C GLU D 20 31.40 -33.18 23.93
N ASP D 21 31.84 -32.24 24.81
CA ASP D 21 31.38 -32.25 26.24
C ASP D 21 29.96 -31.72 26.37
N ARG D 22 29.42 -31.21 25.28
CA ARG D 22 28.09 -30.57 25.32
C ARG D 22 27.98 -29.32 26.23
N ARG D 23 29.07 -28.58 26.37
CA ARG D 23 29.12 -27.45 27.24
C ARG D 23 29.42 -26.18 26.33
N GLN D 24 29.69 -26.29 25.04
CA GLN D 24 29.72 -25.15 24.19
C GLN D 24 28.78 -25.35 23.01
N VAL D 25 28.42 -24.23 22.34
CA VAL D 25 27.59 -24.20 21.15
C VAL D 25 27.91 -23.02 20.26
N ARG D 26 28.05 -23.22 18.97
CA ARG D 26 28.32 -22.15 18.02
C ARG D 26 27.48 -22.39 16.75
N LEU D 27 27.32 -21.35 15.90
CA LEU D 27 26.43 -21.42 14.78
C LEU D 27 27.36 -21.68 13.65
N GLY D 28 27.32 -22.87 13.08
CA GLY D 28 28.14 -23.14 11.93
C GLY D 28 27.66 -22.81 10.54
N ASP D 29 28.55 -22.91 9.56
CA ASP D 29 28.15 -22.56 8.20
C ASP D 29 27.66 -23.72 7.28
N THR D 30 27.70 -24.97 7.71
CA THR D 30 26.94 -26.02 7.00
C THR D 30 25.81 -26.50 7.92
N GLN D 31 24.75 -27.02 7.29
CA GLN D 31 23.66 -27.73 7.97
C GLN D 31 23.99 -29.22 8.12
N GLN D 32 24.18 -29.65 9.38
CA GLN D 32 24.30 -31.06 9.81
C GLN D 32 23.03 -31.89 9.46
N SER D 33 23.20 -33.10 8.88
CA SER D 33 22.02 -33.89 8.54
C SER D 33 21.67 -34.83 9.64
N ILE D 34 20.48 -34.68 10.24
CA ILE D 34 20.14 -35.32 11.52
C ILE D 34 18.65 -35.44 11.65
N PRO D 35 18.17 -36.21 12.61
CA PRO D 35 16.75 -36.48 12.74
C PRO D 35 15.90 -35.23 12.84
N GLY D 36 14.64 -35.34 12.40
CA GLY D 36 13.71 -34.22 12.42
C GLY D 36 12.78 -34.39 13.59
N ASN D 37 13.30 -34.74 14.74
CA ASN D 37 12.38 -35.09 15.80
C ASN D 37 11.55 -33.86 16.34
N GLU D 38 10.48 -34.08 17.10
CA GLU D 38 9.59 -33.10 17.59
C GLU D 38 10.27 -32.13 18.49
N GLU D 39 11.35 -32.57 19.11
CA GLU D 39 11.90 -31.79 20.20
C GLU D 39 12.81 -30.70 19.64
N ARG D 40 13.06 -30.73 18.37
CA ARG D 40 14.12 -29.95 17.81
C ARG D 40 13.63 -28.59 17.20
N PHE D 41 14.39 -27.49 17.45
CA PHE D 41 14.06 -26.19 16.86
C PHE D 41 14.42 -26.16 15.46
N ASP D 42 13.41 -25.96 14.62
CA ASP D 42 13.73 -25.92 13.20
C ASP D 42 14.02 -24.63 12.51
N SER D 43 13.73 -23.49 13.15
CA SER D 43 13.92 -22.19 12.40
C SER D 43 14.84 -21.09 13.01
N TYR D 44 15.49 -21.43 14.14
CA TYR D 44 16.39 -20.49 14.82
C TYR D 44 17.53 -21.24 15.35
N PRO D 45 18.73 -20.59 15.42
CA PRO D 45 19.89 -21.18 16.10
C PRO D 45 19.72 -21.39 17.60
N MET D 46 18.66 -22.07 18.07
CA MET D 46 18.39 -22.34 19.48
C MET D 46 18.62 -23.79 19.96
N VAL D 47 18.88 -23.94 21.30
CA VAL D 47 19.21 -25.18 21.95
C VAL D 47 18.79 -25.11 23.34
N LEU D 48 18.13 -26.22 23.84
CA LEU D 48 17.90 -26.48 25.19
C LEU D 48 19.02 -27.12 25.99
N GLY D 49 19.08 -26.86 27.27
CA GLY D 49 19.89 -27.68 28.12
C GLY D 49 19.09 -28.89 28.63
N ALA D 50 19.78 -30.01 28.87
CA ALA D 50 19.18 -31.35 29.25
C ALA D 50 18.33 -31.32 30.49
N GLN D 51 18.62 -30.42 31.43
CA GLN D 51 17.89 -30.37 32.68
C GLN D 51 16.40 -30.00 32.57
N HIS D 52 15.58 -30.57 33.45
CA HIS D 52 14.16 -30.29 33.51
C HIS D 52 13.90 -29.75 34.89
N PHE D 53 13.25 -28.60 35.10
CA PHE D 53 13.20 -28.11 36.47
C PHE D 53 11.74 -28.18 36.92
N HIS D 54 11.49 -28.68 38.15
CA HIS D 54 10.12 -28.97 38.65
C HIS D 54 9.84 -28.20 39.92
N SER D 55 10.95 -27.68 40.48
CA SER D 55 10.95 -26.99 41.76
C SER D 55 12.41 -26.55 42.03
N GLY D 56 12.62 -25.78 43.10
CA GLY D 56 14.00 -25.58 43.60
C GLY D 56 14.66 -24.30 43.12
N LYS D 57 15.84 -24.03 43.65
CA LYS D 57 16.68 -22.89 43.21
C LYS D 57 17.81 -23.40 42.28
N HIS D 58 18.06 -22.74 41.14
CA HIS D 58 19.04 -23.30 40.25
C HIS D 58 19.84 -22.16 39.68
N TYR D 59 21.13 -22.32 39.49
CA TYR D 59 21.93 -21.20 39.07
C TYR D 59 23.01 -21.68 38.14
N TRP D 60 23.20 -20.96 37.01
CA TRP D 60 24.32 -21.24 36.16
C TRP D 60 24.89 -20.01 35.44
N GLU D 61 26.00 -20.15 34.74
CA GLU D 61 26.64 -18.98 34.04
C GLU D 61 27.00 -19.20 32.64
N VAL D 62 26.95 -18.18 31.80
CA VAL D 62 27.32 -18.39 30.49
C VAL D 62 28.23 -17.31 30.03
N ASP D 63 29.19 -17.68 29.18
CA ASP D 63 30.19 -16.80 28.71
C ASP D 63 29.91 -16.38 27.29
N VAL D 64 29.95 -15.02 27.04
CA VAL D 64 29.48 -14.39 25.81
C VAL D 64 30.63 -13.47 25.24
N THR D 65 31.87 -13.74 25.64
CA THR D 65 32.99 -12.94 25.30
C THR D 65 33.12 -12.78 23.83
N GLY D 66 33.09 -11.52 23.44
CA GLY D 66 33.36 -11.13 22.05
C GLY D 66 32.17 -11.21 21.11
N LYS D 67 30.98 -11.51 21.63
CA LYS D 67 29.88 -11.91 20.72
C LYS D 67 29.12 -10.59 20.44
N GLU D 68 28.54 -10.48 19.23
CA GLU D 68 27.63 -9.44 18.90
C GLU D 68 26.10 -9.76 19.00
N ALA D 69 25.68 -10.98 19.52
CA ALA D 69 24.27 -11.46 19.56
C ALA D 69 24.19 -12.86 20.22
N TRP D 70 23.15 -13.08 21.05
CA TRP D 70 22.83 -14.32 21.67
C TRP D 70 21.55 -14.12 22.38
N ASP D 71 20.99 -15.21 22.94
CA ASP D 71 19.82 -15.19 23.73
C ASP D 71 19.98 -16.26 24.84
N LEU D 72 19.47 -16.00 26.06
CA LEU D 72 19.66 -16.79 27.22
C LEU D 72 18.48 -16.68 28.08
N GLY D 73 18.21 -17.70 28.92
CA GLY D 73 17.02 -17.79 29.67
C GLY D 73 16.50 -19.14 30.09
N VAL D 74 15.34 -19.22 30.66
CA VAL D 74 14.68 -20.55 30.86
C VAL D 74 13.43 -20.50 30.10
N CYS D 75 12.84 -21.66 29.85
CA CYS D 75 11.56 -21.75 29.17
C CYS D 75 10.75 -22.93 29.58
N ARG D 76 9.45 -22.94 29.26
CA ARG D 76 8.59 -24.05 29.58
C ARG D 76 9.09 -25.15 28.76
N ASP D 77 8.92 -26.38 29.24
CA ASP D 77 9.28 -27.47 28.36
C ASP D 77 8.39 -27.59 27.13
N SER D 78 7.13 -27.14 27.28
CA SER D 78 6.00 -27.03 26.27
C SER D 78 6.15 -26.05 25.19
N VAL D 79 7.19 -25.18 25.21
CA VAL D 79 7.31 -24.21 24.10
C VAL D 79 7.30 -24.97 22.78
N ARG D 80 6.83 -24.28 21.74
CA ARG D 80 6.73 -24.83 20.41
C ARG D 80 8.11 -24.78 19.88
N ARG D 81 8.49 -25.76 19.05
CA ARG D 81 9.82 -25.88 18.49
C ARG D 81 9.87 -25.66 17.03
N LYS D 82 8.75 -25.95 16.33
CA LYS D 82 8.66 -25.79 14.88
C LYS D 82 8.04 -24.45 14.44
N GLY D 83 8.69 -23.81 13.49
CA GLY D 83 8.36 -22.43 13.09
C GLY D 83 8.87 -21.14 13.77
N HIS D 84 8.31 -19.97 13.39
CA HIS D 84 8.76 -18.68 13.95
C HIS D 84 7.93 -18.30 15.10
N PHE D 85 8.47 -17.56 16.04
CA PHE D 85 7.72 -17.22 17.22
C PHE D 85 8.55 -16.13 17.96
N LEU D 86 7.93 -15.57 18.98
CA LEU D 86 8.57 -14.55 19.76
C LEU D 86 9.00 -15.10 21.09
N LEU D 87 10.14 -14.66 21.48
CA LEU D 87 10.60 -14.96 22.83
C LEU D 87 9.92 -14.07 23.91
N SER D 88 8.89 -14.52 24.58
CA SER D 88 8.10 -13.56 25.28
C SER D 88 7.65 -14.18 26.54
N SER D 89 7.56 -13.44 27.64
CA SER D 89 7.21 -14.05 28.88
C SER D 89 5.73 -14.46 29.01
N LYS D 90 4.96 -14.17 27.97
CA LYS D 90 3.52 -14.46 28.00
C LYS D 90 3.34 -15.81 27.32
N SER D 91 4.42 -16.19 26.68
CA SER D 91 4.44 -17.27 25.70
C SER D 91 5.39 -18.46 26.16
N GLY D 92 5.79 -18.45 27.43
CA GLY D 92 6.63 -19.52 27.93
C GLY D 92 8.14 -19.27 27.93
N PHE D 93 8.60 -18.03 27.84
CA PHE D 93 10.04 -17.72 27.64
C PHE D 93 10.48 -16.63 28.65
N TRP D 94 11.51 -16.87 29.42
CA TRP D 94 12.01 -15.81 30.33
C TRP D 94 13.49 -15.58 30.05
N THR D 95 13.72 -14.74 29.05
CA THR D 95 14.96 -14.61 28.38
C THR D 95 15.39 -13.13 28.33
N ILE D 96 16.70 -12.85 28.15
CA ILE D 96 17.22 -11.54 27.74
C ILE D 96 18.15 -11.85 26.59
N TRP D 97 18.44 -10.86 25.77
CA TRP D 97 19.30 -11.08 24.76
C TRP D 97 20.12 -9.86 24.30
N LEU D 98 21.08 -10.06 23.38
CA LEU D 98 21.90 -9.05 22.80
C LEU D 98 21.78 -9.22 21.33
N TRP D 99 21.60 -8.15 20.52
CA TRP D 99 21.72 -8.16 19.13
C TRP D 99 22.34 -6.86 18.58
N ASN D 100 22.71 -6.95 17.35
CA ASN D 100 23.15 -5.83 16.61
C ASN D 100 24.34 -5.25 17.28
N LYS D 101 25.22 -6.11 17.84
CA LYS D 101 26.34 -5.72 18.75
C LYS D 101 25.74 -4.69 19.67
N GLN D 102 26.00 -4.64 20.96
CA GLN D 102 25.40 -3.39 21.67
C GLN D 102 23.90 -3.14 21.96
N LYS D 103 22.93 -3.72 21.31
CA LYS D 103 21.57 -3.60 21.89
C LYS D 103 21.03 -4.72 22.79
N TYR D 104 20.98 -4.48 24.10
CA TYR D 104 20.43 -5.40 25.03
C TYR D 104 18.94 -5.21 25.33
N GLU D 105 18.17 -6.28 25.51
CA GLU D 105 16.68 -6.26 25.66
C GLU D 105 16.22 -7.42 26.52
N ALA D 106 15.16 -7.23 27.30
CA ALA D 106 14.53 -8.17 28.18
C ALA D 106 13.27 -8.64 27.45
N GLY D 107 12.93 -9.96 27.48
CA GLY D 107 11.79 -10.53 26.65
C GLY D 107 10.44 -10.43 27.28
N THR D 108 10.09 -9.19 27.66
CA THR D 108 8.75 -8.85 28.16
C THR D 108 8.03 -8.56 26.87
N TYR D 109 6.71 -8.59 26.89
CA TYR D 109 5.93 -8.12 25.70
C TYR D 109 5.06 -6.92 26.06
N PRO D 110 5.33 -5.74 25.41
CA PRO D 110 6.45 -5.49 24.49
C PRO D 110 7.84 -5.51 25.18
N GLN D 111 8.88 -5.38 24.41
CA GLN D 111 10.16 -5.77 24.90
C GLN D 111 10.77 -4.61 25.75
N THR D 112 11.54 -4.92 26.76
CA THR D 112 12.15 -3.93 27.58
C THR D 112 13.69 -3.68 27.26
N PRO D 113 14.09 -2.46 26.80
CA PRO D 113 15.53 -2.11 26.67
C PRO D 113 16.27 -2.13 27.97
N LEU D 114 17.55 -2.44 27.91
CA LEU D 114 18.45 -2.68 29.04
C LEU D 114 19.65 -1.76 28.78
N HIS D 115 20.11 -0.99 29.77
CA HIS D 115 21.29 -0.14 29.54
C HIS D 115 22.34 -0.62 30.43
N LEU D 116 23.43 -1.07 29.84
CA LEU D 116 24.49 -1.76 30.55
C LEU D 116 25.69 -0.93 30.28
N GLN D 117 26.25 -0.27 31.31
CA GLN D 117 27.44 0.55 31.10
C GLN D 117 28.65 -0.31 30.93
N VAL D 118 28.66 -1.44 31.63
CA VAL D 118 29.67 -2.52 31.45
C VAL D 118 29.04 -3.76 30.69
N PRO D 119 29.35 -3.92 29.41
CA PRO D 119 28.91 -5.05 28.55
C PRO D 119 29.33 -6.32 29.19
N PRO D 120 28.38 -7.18 29.49
CA PRO D 120 28.82 -8.42 30.12
C PRO D 120 29.67 -9.35 29.24
N CYS D 121 30.67 -10.00 29.82
CA CYS D 121 31.40 -11.11 29.25
C CYS D 121 30.91 -12.48 29.73
N GLN D 122 30.31 -12.50 30.90
CA GLN D 122 29.56 -13.63 31.38
C GLN D 122 28.29 -13.12 31.92
N VAL D 123 27.31 -13.99 31.93
CA VAL D 123 25.97 -13.68 32.46
C VAL D 123 25.55 -14.82 33.35
N GLY D 124 25.01 -14.57 34.55
CA GLY D 124 24.52 -15.61 35.39
C GLY D 124 22.99 -15.68 35.28
N ILE D 125 22.43 -16.89 35.33
CA ILE D 125 20.96 -17.06 35.15
C ILE D 125 20.64 -17.77 36.40
N PHE D 126 19.78 -17.17 37.20
CA PHE D 126 19.25 -17.77 38.43
C PHE D 126 17.75 -18.08 38.40
N LEU D 127 17.30 -19.28 38.73
CA LEU D 127 15.86 -19.63 38.68
C LEU D 127 15.37 -20.10 40.02
N ASP D 128 14.24 -19.54 40.43
CA ASP D 128 13.71 -19.79 41.76
C ASP D 128 12.27 -20.13 41.46
N TYR D 129 12.01 -21.43 41.45
CA TYR D 129 10.75 -21.95 41.02
C TYR D 129 9.59 -21.46 41.89
N GLU D 130 9.65 -21.72 43.17
CA GLU D 130 8.52 -21.37 44.06
C GLU D 130 8.23 -19.88 44.21
N ALA D 131 9.31 -19.08 44.16
CA ALA D 131 9.22 -17.60 44.16
C ALA D 131 8.70 -17.07 42.81
N GLY D 132 8.57 -17.97 41.85
CA GLY D 132 8.14 -17.58 40.56
C GLY D 132 9.04 -16.54 39.92
N MET D 133 10.36 -16.76 39.95
CA MET D 133 11.41 -15.77 39.46
C MET D 133 12.57 -16.23 38.56
N VAL D 134 12.94 -15.42 37.57
CA VAL D 134 14.16 -15.61 36.81
C VAL D 134 15.04 -14.38 36.66
N SER D 135 16.25 -14.44 37.24
CA SER D 135 17.09 -13.19 37.27
C SER D 135 18.35 -13.39 36.48
N PHE D 136 18.95 -12.29 36.04
CA PHE D 136 20.15 -12.22 35.24
C PHE D 136 21.18 -11.28 35.87
N TYR D 137 22.46 -11.68 35.88
CA TYR D 137 23.53 -10.96 36.54
C TYR D 137 24.65 -10.67 35.66
N ASN D 138 25.21 -9.47 35.75
CA ASN D 138 26.34 -9.14 34.87
C ASN D 138 27.56 -9.45 35.62
N ILE D 139 28.12 -10.63 35.45
CA ILE D 139 29.24 -11.11 36.21
C ILE D 139 30.49 -10.24 36.06
N THR D 140 30.65 -9.64 34.90
CA THR D 140 31.74 -8.67 34.63
C THR D 140 31.70 -7.41 35.55
N ASP D 141 30.48 -7.03 36.00
CA ASP D 141 30.25 -5.86 36.79
C ASP D 141 29.84 -6.40 38.10
N HIS D 142 30.75 -6.98 38.85
CA HIS D 142 30.47 -7.52 40.20
C HIS D 142 29.20 -8.35 40.51
N GLY D 143 28.45 -8.71 39.51
CA GLY D 143 27.33 -9.50 39.76
C GLY D 143 26.13 -8.63 39.73
N SER D 144 26.23 -7.42 39.20
CA SER D 144 25.11 -6.59 39.28
C SER D 144 23.96 -7.22 38.53
N LEU D 145 22.76 -6.97 39.01
CA LEU D 145 21.55 -7.45 38.39
C LEU D 145 21.27 -6.71 37.11
N ILE D 146 20.86 -7.50 36.12
CA ILE D 146 20.61 -6.88 34.84
C ILE D 146 19.14 -6.74 34.74
N TYR D 147 18.38 -7.78 35.15
CA TYR D 147 16.94 -7.82 34.94
C TYR D 147 16.35 -9.04 35.65
N SER D 148 15.18 -8.85 36.28
CA SER D 148 14.46 -9.89 36.92
C SER D 148 12.97 -10.10 36.52
N PHE D 149 12.59 -11.25 35.97
CA PHE D 149 11.15 -11.59 35.82
C PHE D 149 10.61 -12.03 37.11
N SER D 150 9.39 -11.63 37.45
CA SER D 150 8.75 -12.15 38.72
C SER D 150 7.31 -12.41 38.43
N GLU D 151 6.68 -13.03 39.44
CA GLU D 151 5.35 -13.65 39.40
C GLU D 151 5.23 -14.38 38.05
N CYS D 152 6.04 -15.42 37.88
CA CYS D 152 6.07 -16.20 36.62
C CYS D 152 5.05 -17.39 36.71
N ALA D 153 4.54 -17.61 37.89
CA ALA D 153 3.61 -18.69 38.10
C ALA D 153 4.45 -19.93 38.15
N PHE D 154 4.65 -20.53 36.96
CA PHE D 154 5.34 -21.84 36.89
C PHE D 154 4.37 -22.97 37.30
N THR D 155 3.96 -23.80 36.34
CA THR D 155 3.12 -24.98 36.61
C THR D 155 3.94 -26.29 36.37
N GLY D 156 4.56 -26.30 35.17
CA GLY D 156 5.25 -27.46 34.62
C GLY D 156 6.75 -27.44 34.75
N PRO D 157 7.43 -28.34 34.04
CA PRO D 157 8.90 -28.42 33.86
C PRO D 157 9.52 -27.20 33.11
N LEU D 158 10.75 -26.81 33.47
CA LEU D 158 11.38 -25.71 32.80
C LEU D 158 12.73 -26.18 32.38
N ARG D 159 13.25 -25.59 31.30
CA ARG D 159 14.42 -26.02 30.64
C ARG D 159 15.27 -24.78 30.43
N PRO D 160 16.59 -24.93 30.58
CA PRO D 160 17.45 -23.74 30.20
C PRO D 160 17.50 -23.55 28.68
N PHE D 161 17.44 -22.29 28.21
CA PHE D 161 17.42 -21.92 26.81
C PHE D 161 18.68 -21.24 26.42
N PHE D 162 19.14 -21.42 25.21
CA PHE D 162 20.34 -20.88 24.66
C PHE D 162 20.20 -20.71 23.18
N SER D 163 20.81 -19.65 22.73
CA SER D 163 20.99 -19.46 21.33
C SER D 163 22.25 -18.53 21.13
N PRO D 164 23.26 -18.99 20.36
CA PRO D 164 24.47 -18.15 20.03
C PRO D 164 24.29 -16.92 19.14
N GLY D 165 23.05 -16.72 18.71
CA GLY D 165 22.62 -15.68 17.79
C GLY D 165 22.98 -15.95 16.35
N PHE D 166 22.40 -15.13 15.48
CA PHE D 166 22.59 -15.09 14.03
C PHE D 166 23.91 -14.37 13.82
N ASN D 167 24.44 -14.48 12.62
CA ASN D 167 25.75 -13.88 12.39
C ASN D 167 25.67 -12.68 11.45
N ASP D 168 24.64 -11.88 11.65
CA ASP D 168 24.64 -10.58 11.02
C ASP D 168 25.97 -9.78 11.32
N GLY D 169 26.57 -9.29 10.24
CA GLY D 169 27.77 -8.48 10.40
C GLY D 169 29.05 -9.27 10.36
N GLY D 170 28.92 -10.61 10.35
CA GLY D 170 30.04 -11.58 10.29
C GLY D 170 31.01 -11.71 11.50
N LYS D 171 30.74 -11.11 12.66
CA LYS D 171 31.72 -11.06 13.75
C LYS D 171 31.07 -11.55 15.02
N ASN D 172 30.09 -12.45 14.81
CA ASN D 172 29.40 -13.24 15.84
C ASN D 172 29.66 -14.78 15.77
N THR D 173 30.85 -15.22 15.34
CA THR D 173 31.07 -16.67 15.26
C THR D 173 31.60 -17.32 16.56
N ALA D 174 31.87 -16.58 17.66
CA ALA D 174 32.31 -17.22 18.84
C ALA D 174 31.19 -18.08 19.38
N PRO D 175 31.51 -19.01 20.29
CA PRO D 175 30.36 -19.71 20.93
C PRO D 175 30.00 -19.22 22.34
N LEU D 176 28.80 -19.61 22.80
CA LEU D 176 28.46 -19.68 24.21
C LEU D 176 29.19 -20.89 24.83
N THR D 177 29.75 -20.69 26.04
CA THR D 177 30.39 -21.68 26.86
C THR D 177 29.82 -21.59 28.24
N LEU D 178 29.33 -22.74 28.76
CA LEU D 178 28.86 -22.81 30.08
C LEU D 178 30.07 -22.76 31.02
N CYS D 179 30.00 -22.03 32.10
CA CYS D 179 31.14 -21.78 32.96
C CYS D 179 31.24 -22.87 33.99
N PRO D 180 32.48 -23.23 34.35
CA PRO D 180 32.73 -24.40 35.15
C PRO D 180 32.18 -24.25 36.55
N LEU D 181 32.05 -23.06 37.09
CA LEU D 181 31.36 -23.13 38.44
C LEU D 181 32.05 -24.03 39.46
C1 NAG E . 17.51 7.68 -32.09
C2 NAG E . 16.84 6.33 -32.47
C3 NAG E . 15.42 6.26 -31.89
C4 NAG E . 15.48 6.62 -30.38
C5 NAG E . 16.07 8.01 -30.25
C6 NAG E . 15.80 8.59 -28.86
C7 NAG E . 17.63 5.13 -34.53
C8 NAG E . 17.59 5.09 -36.08
N2 NAG E . 16.81 6.04 -33.93
O3 NAG E . 14.74 5.03 -32.27
O4 NAG E . 14.21 6.91 -29.91
O5 NAG E . 17.44 7.95 -30.68
O6 NAG E . 16.93 8.27 -28.06
O7 NAG E . 18.37 4.33 -33.91
C1 NAG E . 13.40 5.81 -29.50
C2 NAG E . 12.29 6.38 -28.63
C3 NAG E . 11.50 5.20 -28.12
C4 NAG E . 11.06 4.17 -29.19
C5 NAG E . 12.17 3.86 -30.25
C6 NAG E . 11.65 3.18 -31.53
C7 NAG E . 12.33 8.38 -27.21
C8 NAG E . 13.03 9.37 -26.27
N2 NAG E . 12.89 7.18 -27.56
O3 NAG E . 10.40 5.65 -27.37
O4 NAG E . 10.67 2.95 -28.56
O5 NAG E . 12.85 5.07 -30.62
O6 NAG E . 12.67 2.69 -32.38
O7 NAG E . 11.22 8.72 -27.64
C1 BMA E . 9.39 3.01 -27.83
C2 BMA E . 8.52 1.76 -28.16
C3 BMA E . 7.26 1.67 -27.29
C4 BMA E . 7.46 2.21 -25.88
C5 BMA E . 8.24 3.52 -25.81
C6 BMA E . 8.33 4.11 -24.39
O2 BMA E . 9.30 0.60 -27.94
O3 BMA E . 6.98 0.32 -27.00
O4 BMA E . 6.18 2.36 -25.28
O5 BMA E . 9.52 3.26 -26.39
O6 BMA E . 9.03 5.31 -24.61
C1 MAN E . 8.78 6.09 -23.46
C2 MAN E . 8.75 7.59 -23.68
C3 MAN E . 10.12 8.18 -24.10
C4 MAN E . 11.37 7.55 -23.49
C5 MAN E . 11.11 6.17 -22.83
C6 MAN E . 11.90 5.97 -21.54
O2 MAN E . 8.35 8.19 -22.44
O3 MAN E . 10.18 9.52 -23.57
O4 MAN E . 12.42 7.51 -24.49
O5 MAN E . 9.76 5.89 -22.47
O6 MAN E . 11.76 4.57 -21.30
C1 NAG E . 6.92 8.58 -22.43
C2 NAG E . 6.57 9.06 -21.02
C3 NAG E . 5.20 9.74 -20.91
C4 NAG E . 4.90 10.72 -22.06
C5 NAG E . 5.27 10.12 -23.43
C6 NAG E . 5.28 11.20 -24.51
C7 NAG E . 7.73 7.54 -19.44
C8 NAG E . 7.54 7.30 -17.93
N2 NAG E . 6.63 7.93 -20.13
O3 NAG E . 5.18 10.48 -19.68
O4 NAG E . 3.53 10.93 -22.10
O5 NAG E . 6.57 9.54 -23.45
O6 NAG E . 5.79 12.41 -23.93
O7 NAG E . 8.83 7.37 -19.99
C1 GAL E . 3.05 12.24 -21.85
C2 GAL E . 1.49 12.33 -21.98
C3 GAL E . 1.04 13.76 -21.66
C4 GAL E . 1.72 14.41 -20.46
C5 GAL E . 3.20 13.99 -20.32
C6 GAL E . 3.81 14.51 -18.99
O2 GAL E . 0.83 11.96 -23.21
O3 GAL E . -0.37 13.73 -21.47
O4 GAL E . 1.05 14.08 -19.26
O5 GAL E . 3.46 12.61 -20.55
O6 GAL E . 5.11 14.96 -19.38
C1 MAN E . 5.97 -0.34 -27.86
C2 MAN E . 5.51 -1.69 -27.21
C3 MAN E . 6.83 -2.53 -27.14
C4 MAN E . 7.50 -2.81 -28.55
C5 MAN E . 7.57 -1.49 -29.41
C6 MAN E . 7.75 -1.71 -30.92
O2 MAN E . 4.38 -2.31 -27.85
O3 MAN E . 6.68 -3.68 -26.29
O4 MAN E . 8.78 -3.47 -28.40
O5 MAN E . 6.42 -0.61 -29.23
O6 MAN E . 6.94 -0.80 -31.66
C1 NAG F . 17.41 -15.55 -29.15
C2 NAG F . 18.19 -14.21 -29.04
C3 NAG F . 18.44 -13.91 -27.56
C4 NAG F . 17.10 -14.00 -26.77
C5 NAG F . 16.52 -15.37 -26.97
C6 NAG F . 15.37 -15.55 -26.00
C7 NAG F . 19.68 -13.53 -30.92
C8 NAG F . 20.96 -13.85 -31.71
N2 NAG F . 19.51 -14.17 -29.73
O3 NAG F . 19.22 -12.71 -27.41
O4 NAG F . 17.31 -14.07 -25.40
O5 NAG F . 16.20 -15.52 -28.37
O6 NAG F . 14.16 -15.24 -26.66
O7 NAG F . 18.87 -12.70 -31.39
C1 NAG F . 17.54 -12.82 -24.73
C2 NAG F . 17.27 -13.05 -23.26
C3 NAG F . 17.36 -11.69 -22.60
C4 NAG F . 18.61 -10.88 -22.95
C5 NAG F . 18.98 -10.93 -24.46
C6 NAG F . 20.41 -10.45 -24.75
C7 NAG F . 15.80 -14.73 -22.21
C8 NAG F . 14.52 -15.58 -22.23
N2 NAG F . 15.95 -13.66 -23.04
O3 NAG F . 17.35 -11.91 -21.23
O4 NAG F . 18.44 -9.52 -22.53
O5 NAG F . 18.86 -12.29 -24.93
O6 NAG F . 20.73 -10.32 -26.12
O7 NAG F . 16.68 -15.08 -21.39
C1 BMA F . 18.52 -9.33 -21.08
C2 BMA F . 19.36 -8.07 -20.71
C3 BMA F . 19.25 -7.67 -19.24
C4 BMA F . 17.89 -7.98 -18.61
C5 BMA F . 17.33 -9.33 -18.98
C6 BMA F . 15.99 -9.60 -18.27
O2 BMA F . 18.92 -7.00 -21.54
O3 BMA F . 19.34 -6.26 -19.09
O4 BMA F . 18.00 -7.92 -17.19
O5 BMA F . 17.21 -9.34 -20.41
O6 BMA F . 15.64 -10.90 -18.75
C1 MAN F . 14.71 -11.44 -17.81
C2 MAN F . 14.77 -12.95 -17.60
C3 MAN F . 14.27 -13.76 -18.81
C4 MAN F . 13.22 -13.12 -19.75
C5 MAN F . 13.04 -11.60 -19.51
C6 MAN F . 11.56 -11.18 -19.73
O2 MAN F . 13.86 -13.22 -16.52
O3 MAN F . 13.60 -14.92 -18.28
O4 MAN F . 13.53 -13.35 -21.13
O5 MAN F . 13.37 -11.17 -18.19
O6 MAN F . 11.60 -9.72 -19.83
C1 NAG F . 14.54 -13.42 -15.24
C2 NAG F . 13.47 -13.56 -14.16
C3 NAG F . 13.98 -14.09 -12.82
C4 NAG F . 14.99 -15.25 -12.94
C5 NAG F . 16.05 -14.96 -14.03
C6 NAG F . 16.87 -16.19 -14.39
C7 NAG F . 11.67 -11.92 -14.65
C8 NAG F . 10.50 -11.41 -13.81
N2 NAG F . 12.76 -12.31 -13.96
O3 NAG F . 12.85 -14.49 -12.03
O4 NAG F . 15.70 -15.29 -11.73
O5 NAG F . 15.41 -14.56 -15.25
O6 NAG F . 16.00 -17.32 -14.31
O7 NAG F . 11.64 -11.95 -15.91
C1 GAL F . 15.59 -16.46 -10.94
C2 GAL F . 16.53 -16.45 -9.69
C3 GAL F . 16.27 -17.76 -8.89
C4 GAL F . 14.80 -18.21 -8.76
C5 GAL F . 14.03 -17.90 -10.03
C6 GAL F . 12.54 -18.26 -9.83
O2 GAL F . 17.96 -16.25 -9.84
O3 GAL F . 16.88 -17.68 -7.63
O4 GAL F . 14.08 -17.69 -7.65
O5 GAL F . 14.25 -16.57 -10.55
O6 GAL F . 12.26 -18.97 -11.03
C1 MAN F . 20.67 -5.69 -18.80
C2 MAN F . 20.48 -4.23 -18.32
C3 MAN F . 19.91 -3.51 -19.57
C4 MAN F . 20.85 -3.55 -20.84
C5 MAN F . 21.37 -5.01 -21.10
C6 MAN F . 22.59 -5.06 -22.04
O2 MAN F . 21.68 -3.65 -17.75
O3 MAN F . 19.40 -2.20 -19.26
O4 MAN F . 20.23 -2.97 -22.02
O5 MAN F . 21.64 -5.72 -19.87
O6 MAN F . 23.46 -6.10 -21.60
C1 FUC G . 15.09 6.17 -25.90
C2 FUC G . 16.21 7.24 -25.64
C3 FUC G . 17.65 6.76 -25.26
C4 FUC G . 18.05 5.43 -25.96
C5 FUC G . 16.83 4.46 -25.77
C6 FUC G . 17.11 2.93 -25.91
O2 FUC G . 15.82 8.20 -24.64
O3 FUC G . 18.53 7.82 -25.62
O4 FUC G . 18.37 5.69 -27.34
O5 FUC G . 15.64 4.97 -26.49
C1 FUC H . 13.57 -12.67 -24.40
C2 FUC H . 12.65 -13.77 -25.04
C3 FUC H . 11.63 -13.35 -26.13
C4 FUC H . 12.16 -12.23 -27.04
C5 FUC H . 12.71 -11.12 -26.10
C6 FUC H . 12.94 -9.70 -26.73
O2 FUC H . 11.89 -14.40 -24.03
O3 FUC H . 11.33 -14.52 -26.84
O4 FUC H . 13.13 -12.81 -27.94
O5 FUC H . 13.87 -11.63 -25.34
#